data_6QK8
#
_entry.id   6QK8
#
_cell.length_a   56.850
_cell.length_b   59.112
_cell.length_c   66.700
_cell.angle_alpha   95.90
_cell.angle_beta   104.14
_cell.angle_gamma   91.19
#
_symmetry.space_group_name_H-M   'P 1'
#
loop_
_entity.id
_entity.type
_entity.pdbx_description
1 polymer 'Protein BMH1'
2 polymer 'Na(+)/H(+) antiporter'
#
loop_
_entity_poly.entity_id
_entity_poly.type
_entity_poly.pdbx_seq_one_letter_code
_entity_poly.pdbx_strand_id
1 'polypeptide(L)'
;MSTSREDSVYLAKLAEQAERYEEMVENMKTVASSGQELSVEERNLLSVAYKNVIGARRASWRIVSSIEQKEESKEKSEHQ
VELICSYRSKIETELTKISDDILSVLDSHLIPSATTGESKVFYYKMKGDYHRYLAEFSSGDAREKATNASLEAYKTASEI
ATTELPPTHPIRLGLALNFSVFYYEIQNSPDKACHLAKQAFDDAIAELDTLSEESYKDSTLIMQLLRDNLTLWTSD
;
A,B,C,D
2 'polypeptide(L)' RSF(SEP)LHRM E,F,G,H
#
# COMPACT_ATOMS: atom_id res chain seq x y z
N THR A 3 -29.48 16.26 15.69
CA THR A 3 -28.63 15.10 15.97
C THR A 3 -27.46 15.45 16.89
N SER A 4 -27.19 14.58 17.87
CA SER A 4 -26.19 14.86 18.89
C SER A 4 -24.78 14.54 18.37
N ARG A 5 -23.79 14.77 19.24
CA ARG A 5 -22.39 14.59 18.82
C ARG A 5 -22.09 13.13 18.52
N GLU A 6 -22.53 12.21 19.38
CA GLU A 6 -22.36 10.79 19.12
C GLU A 6 -23.22 10.30 17.97
N ASP A 7 -24.32 10.99 17.68
CA ASP A 7 -25.17 10.61 16.55
C ASP A 7 -24.48 10.92 15.23
N SER A 8 -23.77 12.05 15.15
CA SER A 8 -23.05 12.35 13.92
C SER A 8 -21.88 11.39 13.70
N VAL A 9 -21.25 10.93 14.78
CA VAL A 9 -20.15 9.99 14.63
C VAL A 9 -20.67 8.64 14.14
N TYR A 10 -21.87 8.25 14.56
CA TYR A 10 -22.43 6.99 14.10
C TYR A 10 -22.81 7.05 12.63
N LEU A 11 -23.36 8.18 12.18
CA LEU A 11 -23.70 8.34 10.76
C LEU A 11 -22.45 8.38 9.90
N ALA A 12 -21.34 8.86 10.43
CA ALA A 12 -20.08 8.80 9.69
C ALA A 12 -19.63 7.36 9.49
N LYS A 13 -19.74 6.54 10.55
CA LYS A 13 -19.46 5.11 10.40
C LYS A 13 -20.49 4.44 9.50
N LEU A 14 -21.72 4.94 9.49
CA LEU A 14 -22.73 4.41 8.58
C LEU A 14 -22.40 4.76 7.13
N ALA A 15 -22.09 6.04 6.87
CA ALA A 15 -21.72 6.49 5.54
C ALA A 15 -20.40 5.89 5.06
N GLU A 16 -19.52 5.52 6.00
CA GLU A 16 -18.26 4.90 5.60
C GLU A 16 -18.51 3.57 4.91
N GLN A 17 -19.31 2.70 5.54
CA GLN A 17 -19.58 1.40 4.98
C GLN A 17 -20.56 1.46 3.81
N ALA A 18 -21.38 2.50 3.76
CA ALA A 18 -22.26 2.73 2.62
C ALA A 18 -21.52 3.29 1.42
N GLU A 19 -20.22 3.56 1.54
CA GLU A 19 -19.38 4.12 0.48
C GLU A 19 -19.85 5.50 0.04
N ARG A 20 -20.58 6.21 0.91
CA ARG A 20 -20.98 7.58 0.63
C ARG A 20 -20.12 8.51 1.49
N TYR A 21 -18.94 8.84 0.96
CA TYR A 21 -17.93 9.53 1.74
C TYR A 21 -18.16 11.03 1.80
N GLU A 22 -18.94 11.60 0.87
CA GLU A 22 -19.23 13.02 0.94
C GLU A 22 -20.06 13.35 2.19
N GLU A 23 -21.02 12.49 2.51
CA GLU A 23 -21.80 12.65 3.73
C GLU A 23 -20.99 12.30 4.98
N MET A 24 -19.98 11.43 4.84
CA MET A 24 -19.10 11.13 5.96
C MET A 24 -18.32 12.38 6.39
N VAL A 25 -18.04 13.28 5.46
CA VAL A 25 -17.39 14.54 5.81
C VAL A 25 -18.32 15.40 6.66
N GLU A 26 -19.57 15.58 6.21
CA GLU A 26 -20.47 16.44 6.95
C GLU A 26 -20.73 15.91 8.35
N ASN A 27 -20.77 14.57 8.50
CA ASN A 27 -20.91 13.99 9.82
C ASN A 27 -19.70 14.28 10.69
N MET A 28 -18.51 14.21 10.11
CA MET A 28 -17.30 14.49 10.88
C MET A 28 -16.98 15.97 10.95
N LYS A 29 -17.36 16.75 9.94
CA LYS A 29 -17.11 18.20 9.99
C LYS A 29 -17.92 18.86 11.10
N THR A 30 -19.12 18.36 11.37
CA THR A 30 -19.93 18.89 12.46
C THR A 30 -19.55 18.32 13.81
N VAL A 31 -18.52 17.49 13.88
CA VAL A 31 -18.03 16.95 15.14
C VAL A 31 -16.70 17.58 15.55
N ALA A 32 -15.78 17.74 14.60
CA ALA A 32 -14.48 18.32 14.90
C ALA A 32 -14.60 19.77 15.30
N SER A 33 -15.59 20.49 14.76
CA SER A 33 -15.82 21.87 15.14
C SER A 33 -16.43 22.02 16.52
N SER A 34 -16.86 20.93 17.14
CA SER A 34 -17.36 20.99 18.50
C SER A 34 -16.21 21.23 19.48
N GLY A 35 -16.58 21.43 20.76
CA GLY A 35 -15.56 21.72 21.76
C GLY A 35 -14.65 20.55 22.06
N GLN A 36 -15.18 19.33 21.98
CA GLN A 36 -14.39 18.16 22.35
C GLN A 36 -13.22 17.98 21.39
N GLU A 37 -12.17 17.35 21.89
CA GLU A 37 -11.05 16.95 21.04
C GLU A 37 -11.36 15.59 20.42
N LEU A 38 -10.98 15.43 19.16
CA LEU A 38 -11.25 14.19 18.45
C LEU A 38 -10.46 13.03 19.05
N SER A 39 -11.13 11.91 19.26
CA SER A 39 -10.49 10.73 19.83
C SER A 39 -9.59 10.06 18.79
N VAL A 40 -8.96 8.95 19.21
CA VAL A 40 -8.07 8.23 18.31
C VAL A 40 -8.83 7.71 17.09
N GLU A 41 -10.04 7.22 17.31
CA GLU A 41 -10.87 6.72 16.21
C GLU A 41 -11.62 7.83 15.50
N GLU A 42 -11.94 8.91 16.21
CA GLU A 42 -12.67 10.03 15.62
C GLU A 42 -11.87 10.68 14.49
N ARG A 43 -10.65 11.13 14.79
CA ARG A 43 -9.84 11.75 13.73
C ARG A 43 -9.45 10.74 12.66
N ASN A 44 -9.53 9.45 12.95
CA ASN A 44 -9.38 8.45 11.90
C ASN A 44 -10.53 8.50 10.91
N LEU A 45 -11.76 8.65 11.40
CA LEU A 45 -12.90 8.84 10.50
C LEU A 45 -12.79 10.16 9.75
N LEU A 46 -12.34 11.22 10.42
CA LEU A 46 -12.13 12.48 9.73
C LEU A 46 -11.08 12.33 8.64
N SER A 47 -9.97 11.63 8.94
CA SER A 47 -8.94 11.42 7.93
C SER A 47 -9.44 10.52 6.81
N VAL A 48 -10.12 9.44 7.17
CA VAL A 48 -10.62 8.49 6.17
C VAL A 48 -11.65 9.16 5.27
N ALA A 49 -12.50 10.02 5.85
CA ALA A 49 -13.53 10.68 5.06
C ALA A 49 -12.91 11.55 3.97
N TYR A 50 -12.20 12.61 4.37
CA TYR A 50 -11.64 13.54 3.40
C TYR A 50 -10.69 12.86 2.43
N LYS A 51 -9.95 11.84 2.89
CA LYS A 51 -8.99 11.17 2.01
C LYS A 51 -9.68 10.47 0.85
N ASN A 52 -10.91 10.01 1.07
CA ASN A 52 -11.71 9.42 0.01
C ASN A 52 -12.42 10.47 -0.81
N VAL A 53 -12.85 11.58 -0.21
CA VAL A 53 -13.49 12.65 -0.98
C VAL A 53 -12.52 13.22 -2.00
N ILE A 54 -11.31 13.56 -1.56
CA ILE A 54 -10.33 14.10 -2.49
C ILE A 54 -9.67 13.00 -3.30
N GLY A 55 -9.74 11.74 -2.84
CA GLY A 55 -9.16 10.65 -3.61
C GLY A 55 -9.84 10.45 -4.94
N ALA A 56 -11.17 10.61 -4.98
CA ALA A 56 -11.88 10.41 -6.24
C ALA A 56 -11.52 11.49 -7.26
N ARG A 57 -11.42 12.75 -6.82
CA ARG A 57 -11.08 13.82 -7.76
C ARG A 57 -9.62 13.76 -8.19
N ARG A 58 -8.72 13.40 -7.27
CA ARG A 58 -7.34 13.13 -7.65
C ARG A 58 -7.27 12.07 -8.75
N ALA A 59 -8.01 10.97 -8.57
CA ALA A 59 -8.06 9.96 -9.62
C ALA A 59 -8.72 10.52 -10.88
N SER A 60 -9.82 11.25 -10.71
CA SER A 60 -10.51 11.82 -11.86
C SER A 60 -9.66 12.85 -12.57
N TRP A 61 -8.91 13.66 -11.81
CA TRP A 61 -8.03 14.64 -12.44
C TRP A 61 -6.88 13.97 -13.16
N ARG A 62 -6.31 12.91 -12.56
CA ARG A 62 -5.18 12.24 -13.20
C ARG A 62 -5.59 11.57 -14.51
N ILE A 63 -6.84 11.10 -14.60
CA ILE A 63 -7.31 10.52 -15.86
C ILE A 63 -7.46 11.59 -16.93
N VAL A 64 -8.09 12.71 -16.58
CA VAL A 64 -8.37 13.75 -17.58
C VAL A 64 -7.09 14.42 -18.05
N SER A 65 -6.05 14.44 -17.21
CA SER A 65 -4.78 15.00 -17.65
C SER A 65 -4.12 14.14 -18.70
N SER A 66 -4.12 12.82 -18.50
CA SER A 66 -3.48 11.93 -19.46
C SER A 66 -4.23 11.91 -20.79
N ILE A 67 -5.56 12.05 -20.75
CA ILE A 67 -6.34 12.14 -21.97
C ILE A 67 -5.92 13.35 -22.80
N GLU A 68 -5.69 14.48 -22.15
CA GLU A 68 -5.21 15.67 -22.85
C GLU A 68 -3.75 15.55 -23.24
N GLN A 69 -2.94 14.88 -22.42
CA GLN A 69 -1.52 14.69 -22.71
C GLN A 69 -1.26 13.67 -23.80
N LYS A 70 -2.29 13.15 -24.46
CA LYS A 70 -2.14 12.12 -25.49
C LYS A 70 -2.85 12.55 -26.77
N GLU A 78 -9.23 21.31 -32.61
CA GLU A 78 -10.68 21.26 -32.64
C GLU A 78 -11.27 21.82 -31.34
N HIS A 79 -12.58 21.67 -31.16
CA HIS A 79 -13.21 22.05 -29.91
C HIS A 79 -12.94 21.06 -28.78
N GLN A 80 -12.38 19.89 -29.12
CA GLN A 80 -12.02 18.91 -28.11
C GLN A 80 -10.88 19.39 -27.23
N VAL A 81 -10.00 20.24 -27.77
CA VAL A 81 -8.88 20.74 -27.00
C VAL A 81 -9.37 21.58 -25.83
N GLU A 82 -10.38 22.41 -26.06
CA GLU A 82 -10.92 23.24 -24.98
C GLU A 82 -11.83 22.44 -24.07
N LEU A 83 -12.68 21.59 -24.64
CA LEU A 83 -13.65 20.83 -23.84
C LEU A 83 -12.96 20.09 -22.69
N ILE A 84 -11.78 19.52 -22.96
CA ILE A 84 -11.05 18.87 -21.89
C ILE A 84 -10.45 19.89 -20.93
N CYS A 85 -10.02 21.05 -21.43
CA CYS A 85 -9.33 22.01 -20.58
C CYS A 85 -10.26 22.56 -19.49
N SER A 86 -11.51 22.86 -19.84
CA SER A 86 -12.45 23.32 -18.84
C SER A 86 -12.97 22.19 -17.97
N TYR A 87 -13.05 20.98 -18.51
CA TYR A 87 -13.41 19.84 -17.68
C TYR A 87 -12.31 19.55 -16.67
N ARG A 88 -11.04 19.59 -17.10
CA ARG A 88 -9.94 19.38 -16.18
C ARG A 88 -9.86 20.48 -15.13
N SER A 89 -10.36 21.68 -15.47
CA SER A 89 -10.34 22.76 -14.49
C SER A 89 -11.52 22.69 -13.54
N LYS A 90 -12.64 22.10 -13.98
CA LYS A 90 -13.76 21.90 -13.08
C LYS A 90 -13.42 20.93 -11.97
N ILE A 91 -12.53 19.97 -12.26
CA ILE A 91 -12.05 19.07 -11.21
C ILE A 91 -11.08 19.79 -10.29
N GLU A 92 -10.26 20.68 -10.86
CA GLU A 92 -9.30 21.41 -10.04
C GLU A 92 -10.01 22.36 -9.09
N THR A 93 -11.17 22.89 -9.48
CA THR A 93 -11.94 23.71 -8.56
C THR A 93 -12.52 22.86 -7.43
N GLU A 94 -13.01 21.66 -7.76
CA GLU A 94 -13.47 20.75 -6.72
C GLU A 94 -12.33 20.26 -5.84
N LEU A 95 -11.13 20.10 -6.42
CA LEU A 95 -9.97 19.71 -5.63
C LEU A 95 -9.57 20.81 -4.66
N THR A 96 -9.71 22.07 -5.08
CA THR A 96 -9.39 23.19 -4.19
C THR A 96 -10.45 23.36 -3.11
N LYS A 97 -11.73 23.20 -3.47
CA LYS A 97 -12.78 23.32 -2.47
C LYS A 97 -12.61 22.32 -1.35
N ILE A 98 -12.28 21.07 -1.69
CA ILE A 98 -12.08 20.05 -0.67
C ILE A 98 -10.86 20.38 0.18
N SER A 99 -9.74 20.75 -0.46
CA SER A 99 -8.54 21.08 0.28
C SER A 99 -8.72 22.33 1.14
N ASP A 100 -9.35 23.37 0.58
CA ASP A 100 -9.61 24.57 1.37
C ASP A 100 -10.57 24.29 2.53
N ASP A 101 -11.50 23.35 2.35
CA ASP A 101 -12.45 23.04 3.41
C ASP A 101 -11.74 22.35 4.58
N ILE A 102 -10.87 21.39 4.27
CA ILE A 102 -10.19 20.65 5.34
C ILE A 102 -9.10 21.50 5.97
N LEU A 103 -8.41 22.31 5.16
CA LEU A 103 -7.36 23.16 5.69
C LEU A 103 -7.92 24.29 6.54
N SER A 104 -9.13 24.74 6.25
CA SER A 104 -9.75 25.80 7.04
C SER A 104 -10.06 25.32 8.45
N VAL A 105 -10.71 24.16 8.58
CA VAL A 105 -10.99 23.64 9.92
C VAL A 105 -9.71 23.14 10.59
N LEU A 106 -8.69 22.81 9.80
CA LEU A 106 -7.41 22.42 10.40
C LEU A 106 -6.71 23.61 11.02
N ASP A 107 -6.84 24.79 10.40
CA ASP A 107 -6.18 26.00 10.88
C ASP A 107 -7.03 26.83 11.84
N SER A 108 -8.35 26.60 11.89
CA SER A 108 -9.22 27.33 12.80
C SER A 108 -9.47 26.61 14.12
N HIS A 109 -9.75 25.30 14.08
CA HIS A 109 -10.07 24.56 15.30
C HIS A 109 -9.11 23.43 15.58
N LEU A 110 -8.80 22.59 14.59
CA LEU A 110 -8.07 21.34 14.87
C LEU A 110 -6.71 21.61 15.48
N ILE A 111 -5.83 22.30 14.76
CA ILE A 111 -4.48 22.58 15.24
C ILE A 111 -4.50 23.49 16.46
N PRO A 112 -5.26 24.61 16.47
CA PRO A 112 -5.26 25.46 17.68
C PRO A 112 -5.69 24.72 18.94
N SER A 113 -6.80 23.99 18.90
CA SER A 113 -7.33 23.30 20.06
C SER A 113 -6.61 21.99 20.35
N ALA A 114 -5.63 21.60 19.53
CA ALA A 114 -4.88 20.38 19.79
C ALA A 114 -3.92 20.59 20.95
N THR A 115 -3.99 19.71 21.95
CA THR A 115 -3.08 19.73 23.10
C THR A 115 -2.14 18.54 23.13
N THR A 116 -2.62 17.35 22.75
CA THR A 116 -1.77 16.17 22.72
C THR A 116 -0.66 16.32 21.68
N GLY A 117 0.55 15.90 22.05
CA GLY A 117 1.65 15.94 21.11
C GLY A 117 1.37 15.09 19.88
N GLU A 118 0.76 13.91 20.09
CA GLU A 118 0.37 13.06 18.97
C GLU A 118 -0.73 13.71 18.15
N SER A 119 -1.62 14.47 18.78
CA SER A 119 -2.67 15.16 18.05
C SER A 119 -2.08 16.26 17.18
N LYS A 120 -1.06 16.96 17.66
CA LYS A 120 -0.46 18.02 16.87
C LYS A 120 0.24 17.45 15.63
N VAL A 121 0.97 16.35 15.80
CA VAL A 121 1.64 15.72 14.67
C VAL A 121 0.62 15.25 13.63
N PHE A 122 -0.49 14.67 14.09
CA PHE A 122 -1.49 14.13 13.18
C PHE A 122 -2.12 15.24 12.34
N TYR A 123 -2.46 16.37 12.97
CA TYR A 123 -3.14 17.44 12.26
C TYR A 123 -2.19 18.22 11.37
N TYR A 124 -0.97 18.50 11.88
CA TYR A 124 0.02 19.17 11.05
C TYR A 124 0.43 18.31 9.87
N LYS A 125 0.35 16.99 10.00
CA LYS A 125 0.58 16.12 8.85
C LYS A 125 -0.52 16.29 7.80
N MET A 126 -1.78 16.33 8.24
CA MET A 126 -2.88 16.55 7.30
C MET A 126 -2.74 17.88 6.60
N LYS A 127 -2.26 18.90 7.33
CA LYS A 127 -2.03 20.20 6.72
C LYS A 127 -1.01 20.08 5.60
N GLY A 128 0.05 19.30 5.82
CA GLY A 128 1.01 19.06 4.76
C GLY A 128 0.43 18.22 3.64
N ASP A 129 -0.49 17.31 3.96
CA ASP A 129 -1.04 16.41 2.95
C ASP A 129 -1.89 17.16 1.94
N TYR A 130 -2.89 17.91 2.42
CA TYR A 130 -3.82 18.59 1.53
C TYR A 130 -3.24 19.86 0.92
N HIS A 131 -2.20 20.45 1.52
CA HIS A 131 -1.41 21.43 0.79
C HIS A 131 -0.65 20.77 -0.37
N ARG A 132 -0.27 19.49 -0.20
CA ARG A 132 0.45 18.78 -1.25
C ARG A 132 -0.48 18.38 -2.38
N TYR A 133 -1.71 17.96 -2.04
CA TYR A 133 -2.70 17.68 -3.08
C TYR A 133 -2.92 18.90 -3.95
N LEU A 134 -2.93 20.09 -3.34
CA LEU A 134 -3.10 21.32 -4.09
C LEU A 134 -1.95 21.55 -5.05
N ALA A 135 -0.71 21.34 -4.57
CA ALA A 135 0.46 21.55 -5.42
C ALA A 135 0.63 20.45 -6.46
N GLU A 136 -0.22 19.42 -6.45
CA GLU A 136 -0.09 18.37 -7.45
C GLU A 136 -0.51 18.85 -8.84
N PHE A 137 -1.42 19.84 -8.90
CA PHE A 137 -1.98 20.29 -10.16
C PHE A 137 -1.80 21.79 -10.43
N SER A 138 -1.52 22.59 -9.40
CA SER A 138 -1.39 24.02 -9.59
C SER A 138 -0.17 24.34 -10.43
N SER A 139 -0.14 25.57 -10.95
CA SER A 139 0.98 26.00 -11.79
C SER A 139 1.19 27.48 -11.56
N GLY A 140 2.40 27.85 -11.16
CA GLY A 140 2.73 29.25 -10.97
C GLY A 140 2.65 29.70 -9.53
N ASP A 141 1.84 30.73 -9.27
CA ASP A 141 1.75 31.28 -7.92
C ASP A 141 1.12 30.27 -6.96
N ALA A 142 0.03 29.63 -7.38
CA ALA A 142 -0.65 28.68 -6.51
C ALA A 142 0.20 27.44 -6.23
N ARG A 143 0.99 26.99 -7.21
CA ARG A 143 1.89 25.87 -6.97
C ARG A 143 3.02 26.26 -6.03
N GLU A 144 3.58 27.47 -6.19
CA GLU A 144 4.65 27.90 -5.29
C GLU A 144 4.13 28.14 -3.88
N LYS A 145 2.90 28.65 -3.75
CA LYS A 145 2.34 28.88 -2.43
C LYS A 145 1.98 27.57 -1.75
N ALA A 146 1.47 26.61 -2.52
CA ALA A 146 1.13 25.32 -1.93
C ALA A 146 2.37 24.56 -1.50
N THR A 147 3.44 24.65 -2.30
CA THR A 147 4.67 23.93 -1.98
C THR A 147 5.28 24.44 -0.69
N ASN A 148 5.25 25.76 -0.48
CA ASN A 148 5.85 26.34 0.72
C ASN A 148 5.07 25.98 1.98
N ALA A 149 3.74 26.18 1.96
CA ALA A 149 2.94 25.82 3.12
C ALA A 149 3.00 24.32 3.40
N SER A 150 3.09 23.49 2.37
CA SER A 150 3.18 22.04 2.58
C SER A 150 4.43 21.69 3.34
N LEU A 151 5.58 22.22 2.89
CA LEU A 151 6.85 21.93 3.57
C LEU A 151 6.91 22.53 4.96
N GLU A 152 6.26 23.69 5.17
CA GLU A 152 6.26 24.31 6.48
C GLU A 152 5.45 23.49 7.48
N ALA A 153 4.33 22.90 7.05
CA ALA A 153 3.52 22.11 7.98
C ALA A 153 4.17 20.75 8.26
N TYR A 154 4.78 20.14 7.24
CA TYR A 154 5.48 18.88 7.43
C TYR A 154 6.65 19.04 8.41
N LYS A 155 7.49 20.07 8.19
CA LYS A 155 8.62 20.31 9.08
C LYS A 155 8.17 20.57 10.52
N THR A 156 7.05 21.26 10.69
CA THR A 156 6.51 21.47 12.03
C THR A 156 6.06 20.15 12.64
N ALA A 157 5.33 19.34 11.87
CA ALA A 157 4.95 18.01 12.35
C ALA A 157 6.17 17.16 12.65
N SER A 158 7.18 17.23 11.78
CA SER A 158 8.38 16.41 11.95
C SER A 158 9.15 16.78 13.22
N GLU A 159 9.22 18.08 13.54
CA GLU A 159 9.93 18.50 14.73
C GLU A 159 9.18 18.07 16.00
N ILE A 160 7.85 18.15 15.99
CA ILE A 160 7.08 17.75 17.16
C ILE A 160 7.07 16.23 17.30
N ALA A 161 7.07 15.50 16.18
CA ALA A 161 7.03 14.05 16.23
C ALA A 161 8.31 13.46 16.79
N THR A 162 9.46 14.10 16.49
CA THR A 162 10.75 13.57 16.92
C THR A 162 10.95 13.66 18.42
N THR A 163 10.29 14.60 19.09
CA THR A 163 10.46 14.78 20.52
C THR A 163 9.33 14.20 21.36
N GLU A 164 8.14 14.07 20.80
CA GLU A 164 6.97 13.59 21.54
C GLU A 164 6.56 12.17 21.21
N LEU A 165 7.02 11.60 20.09
CA LEU A 165 6.56 10.29 19.67
C LEU A 165 7.72 9.32 19.53
N PRO A 166 7.54 8.06 19.94
CA PRO A 166 8.58 7.07 19.68
C PRO A 166 8.80 6.90 18.19
N PRO A 167 9.99 6.46 17.78
CA PRO A 167 10.30 6.38 16.34
C PRO A 167 9.54 5.29 15.60
N THR A 168 8.84 4.40 16.31
CA THR A 168 8.06 3.34 15.68
C THR A 168 6.58 3.68 15.59
N HIS A 169 6.16 4.81 16.15
CA HIS A 169 4.74 5.15 16.20
C HIS A 169 4.18 5.29 14.78
N PRO A 170 3.03 4.68 14.49
CA PRO A 170 2.49 4.75 13.12
C PRO A 170 2.22 6.16 12.62
N ILE A 171 1.89 7.10 13.51
CA ILE A 171 1.68 8.47 13.07
C ILE A 171 3.01 9.12 12.70
N ARG A 172 4.06 8.83 13.48
CA ARG A 172 5.39 9.36 13.16
C ARG A 172 5.94 8.74 11.89
N LEU A 173 5.75 7.43 11.70
CA LEU A 173 6.22 6.77 10.49
C LEU A 173 5.39 7.16 9.27
N GLY A 174 4.07 7.19 9.43
CA GLY A 174 3.21 7.61 8.33
C GLY A 174 3.48 9.04 7.90
N LEU A 175 3.87 9.90 8.83
CA LEU A 175 4.23 11.27 8.46
C LEU A 175 5.45 11.29 7.54
N ALA A 176 6.54 10.64 7.97
CA ALA A 176 7.76 10.62 7.16
C ALA A 176 7.53 9.96 5.81
N LEU A 177 6.60 9.01 5.74
CA LEU A 177 6.24 8.42 4.44
C LEU A 177 5.66 9.47 3.52
N ASN A 178 4.67 10.23 4.00
CA ASN A 178 4.07 11.26 3.16
C ASN A 178 5.04 12.41 2.94
N PHE A 179 5.84 12.75 3.94
CA PHE A 179 6.83 13.81 3.79
C PHE A 179 7.86 13.44 2.72
N SER A 180 8.27 12.18 2.68
CA SER A 180 9.24 11.74 1.67
C SER A 180 8.62 11.75 0.27
N VAL A 181 7.35 11.36 0.16
CA VAL A 181 6.65 11.45 -1.12
C VAL A 181 6.57 12.89 -1.58
N PHE A 182 6.48 13.83 -0.65
CA PHE A 182 6.43 15.24 -1.02
C PHE A 182 7.74 15.68 -1.68
N TYR A 183 8.88 15.24 -1.12
CA TYR A 183 10.17 15.62 -1.68
C TYR A 183 10.35 15.07 -3.09
N TYR A 184 9.99 13.80 -3.31
CA TYR A 184 10.18 13.19 -4.61
C TYR A 184 9.20 13.72 -5.66
N GLU A 185 7.92 13.85 -5.29
CA GLU A 185 6.91 14.19 -6.28
C GLU A 185 6.71 15.70 -6.45
N ILE A 186 6.70 16.46 -5.36
CA ILE A 186 6.41 17.90 -5.45
C ILE A 186 7.69 18.71 -5.62
N GLN A 187 8.69 18.49 -4.76
CA GLN A 187 9.94 19.24 -4.81
C GLN A 187 10.96 18.62 -5.74
N ASN A 188 10.71 17.42 -6.27
CA ASN A 188 11.58 16.78 -7.26
C ASN A 188 13.00 16.62 -6.73
N SER A 189 13.12 16.12 -5.51
CA SER A 189 14.42 15.96 -4.84
C SER A 189 14.50 14.53 -4.33
N PRO A 190 14.91 13.58 -5.18
CA PRO A 190 15.05 12.19 -4.70
C PRO A 190 16.07 12.04 -3.59
N ASP A 191 17.12 12.87 -3.59
CA ASP A 191 18.12 12.79 -2.53
C ASP A 191 17.53 13.20 -1.18
N LYS A 192 16.63 14.17 -1.18
CA LYS A 192 16.00 14.60 0.07
C LYS A 192 14.92 13.62 0.52
N ALA A 193 14.26 12.95 -0.43
CA ALA A 193 13.24 11.97 -0.06
C ALA A 193 13.89 10.72 0.53
N CYS A 194 14.84 10.13 -0.19
CA CYS A 194 15.50 8.92 0.30
C CYS A 194 16.15 9.16 1.66
N HIS A 195 16.77 10.32 1.83
CA HIS A 195 17.44 10.60 3.10
C HIS A 195 16.45 10.62 4.25
N LEU A 196 15.31 11.29 4.08
CA LEU A 196 14.32 11.33 5.15
C LEU A 196 13.64 9.97 5.32
N ALA A 197 13.40 9.26 4.21
CA ALA A 197 12.74 7.95 4.30
C ALA A 197 13.67 6.90 4.91
N LYS A 198 14.94 6.91 4.52
CA LYS A 198 15.87 5.95 5.10
C LYS A 198 16.09 6.21 6.59
N GLN A 199 16.25 7.48 6.97
CA GLN A 199 16.43 7.81 8.38
C GLN A 199 15.21 7.40 9.19
N ALA A 200 14.00 7.60 8.64
CA ALA A 200 12.79 7.21 9.35
C ALA A 200 12.71 5.70 9.52
N PHE A 201 13.24 4.95 8.56
CA PHE A 201 13.31 3.50 8.68
C PHE A 201 14.35 3.10 9.71
N ASP A 202 15.51 3.76 9.70
CA ASP A 202 16.58 3.37 10.62
C ASP A 202 16.28 3.78 12.05
N ASP A 203 15.53 4.87 12.24
CA ASP A 203 15.17 5.28 13.59
C ASP A 203 14.24 4.28 14.24
N ALA A 204 13.32 3.69 13.47
CA ALA A 204 12.37 2.73 13.99
C ALA A 204 13.00 1.35 14.18
N ILE A 205 14.00 1.02 13.37
CA ILE A 205 14.64 -0.27 13.49
C ILE A 205 15.39 -0.38 14.83
N ALA A 206 16.02 0.71 15.25
CA ALA A 206 16.84 0.70 16.46
C ALA A 206 16.00 0.45 17.71
N GLU A 207 14.89 1.14 17.83
CA GLU A 207 14.03 1.01 19.01
C GLU A 207 12.84 0.09 18.71
N LEU A 208 13.16 -1.17 18.42
CA LEU A 208 12.11 -2.14 18.12
C LEU A 208 11.36 -2.54 19.39
N ASP A 209 11.97 -2.38 20.56
CA ASP A 209 11.28 -2.67 21.80
C ASP A 209 10.14 -1.70 22.06
N THR A 210 10.22 -0.49 21.50
CA THR A 210 9.18 0.52 21.67
C THR A 210 7.95 0.24 20.84
N LEU A 211 7.97 -0.79 20.00
CA LEU A 211 6.80 -1.16 19.20
C LEU A 211 5.71 -1.68 20.13
N SER A 212 4.61 -0.94 20.24
CA SER A 212 3.51 -1.31 21.13
C SER A 212 2.75 -2.51 20.57
N GLU A 213 1.98 -3.15 21.45
CA GLU A 213 1.21 -4.33 21.06
C GLU A 213 0.09 -3.95 20.11
N GLU A 214 -0.70 -2.93 20.46
CA GLU A 214 -1.81 -2.50 19.61
C GLU A 214 -1.31 -1.82 18.33
N SER A 215 -0.15 -1.18 18.37
CA SER A 215 0.39 -0.46 17.22
C SER A 215 1.42 -1.28 16.45
N TYR A 216 1.49 -2.59 16.68
CA TYR A 216 2.53 -3.41 16.06
C TYR A 216 2.28 -3.58 14.57
N LYS A 217 1.10 -4.08 14.20
CA LYS A 217 0.84 -4.38 12.80
C LYS A 217 0.87 -3.10 11.95
N ASP A 218 0.35 -2.00 12.49
CA ASP A 218 0.32 -0.75 11.74
C ASP A 218 1.72 -0.18 11.54
N SER A 219 2.63 -0.43 12.48
CA SER A 219 3.98 0.09 12.33
C SER A 219 4.77 -0.71 11.30
N THR A 220 4.65 -2.05 11.35
CA THR A 220 5.34 -2.88 10.37
C THR A 220 4.86 -2.57 8.95
N LEU A 221 3.58 -2.27 8.79
CA LEU A 221 3.06 -2.01 7.45
C LEU A 221 3.66 -0.74 6.86
N ILE A 222 3.69 0.34 7.64
CA ILE A 222 4.20 1.61 7.11
C ILE A 222 5.70 1.53 6.84
N MET A 223 6.43 0.73 7.62
CA MET A 223 7.85 0.56 7.34
C MET A 223 8.07 -0.13 6.00
N GLN A 224 7.20 -1.07 5.63
CA GLN A 224 7.32 -1.67 4.31
C GLN A 224 6.96 -0.67 3.21
N LEU A 225 5.99 0.21 3.48
CA LEU A 225 5.69 1.27 2.52
C LEU A 225 6.86 2.23 2.34
N LEU A 226 7.63 2.46 3.41
CA LEU A 226 8.83 3.28 3.30
C LEU A 226 9.87 2.61 2.40
N ARG A 227 10.03 1.29 2.52
CA ARG A 227 11.06 0.61 1.75
C ARG A 227 10.67 0.48 0.29
N ASP A 228 9.38 0.28 0.03
CA ASP A 228 8.89 0.25 -1.35
C ASP A 228 9.19 1.56 -2.06
N ASN A 229 8.99 2.69 -1.37
CA ASN A 229 9.34 3.98 -1.95
C ASN A 229 10.86 4.11 -2.09
N LEU A 230 11.62 3.68 -1.09
CA LEU A 230 13.07 3.75 -1.21
C LEU A 230 13.56 2.97 -2.42
N THR A 231 12.97 1.79 -2.69
CA THR A 231 13.40 1.00 -3.85
C THR A 231 13.02 1.68 -5.15
N LEU A 232 11.82 2.27 -5.20
CA LEU A 232 11.38 2.94 -6.41
C LEU A 232 12.23 4.17 -6.71
N TRP A 233 12.51 4.99 -5.68
CA TRP A 233 13.23 6.24 -5.93
C TRP A 233 14.69 5.98 -6.33
N THR A 234 15.36 5.06 -5.63
CA THR A 234 16.71 4.66 -6.03
C THR A 234 16.71 3.74 -7.25
N SER A 235 15.57 3.58 -7.91
CA SER A 235 15.43 2.80 -9.15
C SER A 235 15.87 1.37 -8.94
N ARG B 5 4.37 -27.66 14.51
CA ARG B 5 4.91 -27.76 15.87
C ARG B 5 4.72 -26.46 16.62
N GLU B 6 4.41 -26.58 17.91
CA GLU B 6 4.16 -25.40 18.73
C GLU B 6 5.39 -24.50 18.79
N ASP B 7 6.59 -25.09 18.81
CA ASP B 7 7.81 -24.29 18.94
C ASP B 7 8.13 -23.55 17.65
N SER B 8 7.96 -24.20 16.51
CA SER B 8 8.28 -23.57 15.23
C SER B 8 7.35 -22.41 14.93
N VAL B 9 6.06 -22.55 15.27
CA VAL B 9 5.12 -21.45 15.07
C VAL B 9 5.47 -20.29 15.99
N TYR B 10 5.93 -20.60 17.21
CA TYR B 10 6.31 -19.56 18.16
C TYR B 10 7.56 -18.83 17.70
N LEU B 11 8.55 -19.55 17.17
CA LEU B 11 9.77 -18.93 16.68
C LEU B 11 9.52 -18.14 15.39
N ALA B 12 8.51 -18.54 14.61
CA ALA B 12 8.20 -17.78 13.41
C ALA B 12 7.58 -16.42 13.75
N LYS B 13 6.73 -16.37 14.79
CA LYS B 13 6.19 -15.09 15.24
C LYS B 13 7.28 -14.24 15.87
N LEU B 14 8.23 -14.87 16.56
CA LEU B 14 9.37 -14.13 17.10
C LEU B 14 10.25 -13.59 15.99
N ALA B 15 10.57 -14.43 14.99
CA ALA B 15 11.46 -14.02 13.91
C ALA B 15 10.87 -12.89 13.09
N GLU B 16 9.54 -12.78 13.03
CA GLU B 16 8.91 -11.65 12.34
C GLU B 16 9.16 -10.36 13.09
N GLN B 17 9.09 -10.39 14.43
CA GLN B 17 9.34 -9.19 15.22
C GLN B 17 10.81 -8.78 15.14
N ALA B 18 11.71 -9.75 15.29
CA ALA B 18 13.14 -9.53 15.10
C ALA B 18 13.50 -9.23 13.66
N GLU B 19 12.56 -9.35 12.74
CA GLU B 19 12.80 -9.15 11.31
C GLU B 19 13.88 -10.09 10.78
N ARG B 20 13.92 -11.30 11.34
CA ARG B 20 14.77 -12.37 10.82
C ARG B 20 13.88 -13.30 9.99
N TYR B 21 13.59 -12.87 8.77
CA TYR B 21 12.59 -13.56 7.97
C TYR B 21 13.14 -14.84 7.34
N GLU B 22 14.44 -14.93 7.10
CA GLU B 22 14.99 -16.17 6.58
C GLU B 22 14.82 -17.30 7.60
N GLU B 23 14.95 -16.98 8.90
CA GLU B 23 14.63 -17.97 9.92
C GLU B 23 13.13 -18.22 9.98
N MET B 24 12.33 -17.15 9.85
CA MET B 24 10.89 -17.32 9.79
C MET B 24 10.50 -18.28 8.67
N VAL B 25 11.21 -18.22 7.54
CA VAL B 25 10.95 -19.16 6.45
C VAL B 25 11.26 -20.59 6.90
N GLU B 26 12.46 -20.82 7.45
CA GLU B 26 12.80 -22.15 7.92
C GLU B 26 11.85 -22.64 9.00
N ASN B 27 11.39 -21.72 9.87
CA ASN B 27 10.46 -22.09 10.93
C ASN B 27 9.10 -22.47 10.36
N MET B 28 8.56 -21.63 9.47
CA MET B 28 7.25 -21.91 8.86
C MET B 28 7.29 -23.06 7.86
N LYS B 29 8.46 -23.36 7.28
CA LYS B 29 8.58 -24.53 6.42
C LYS B 29 8.37 -25.82 7.22
N THR B 30 8.77 -25.83 8.50
CA THR B 30 8.56 -26.99 9.33
C THR B 30 7.10 -27.15 9.74
N VAL B 31 6.36 -26.04 9.78
CA VAL B 31 4.94 -26.10 10.10
C VAL B 31 4.14 -26.71 8.94
N ALA B 32 4.55 -26.43 7.70
CA ALA B 32 3.87 -26.99 6.54
C ALA B 32 4.40 -28.37 6.15
N SER B 33 5.58 -28.77 6.65
CA SER B 33 6.16 -30.06 6.30
C SER B 33 5.36 -31.21 6.89
N SER B 34 4.69 -31.00 8.03
CA SER B 34 3.85 -32.03 8.60
C SER B 34 2.53 -32.14 7.82
N GLY B 35 1.79 -33.21 8.08
CA GLY B 35 0.57 -33.45 7.36
C GLY B 35 -0.63 -32.72 7.94
N GLN B 36 -0.42 -31.47 8.34
CA GLN B 36 -1.45 -30.64 8.96
C GLN B 36 -1.68 -29.40 8.12
N GLU B 37 -2.94 -29.14 7.78
CA GLU B 37 -3.27 -27.93 7.05
C GLU B 37 -3.10 -26.71 7.94
N LEU B 38 -2.64 -25.62 7.35
CA LEU B 38 -2.37 -24.41 8.11
C LEU B 38 -3.66 -23.69 8.48
N SER B 39 -3.61 -22.98 9.61
CA SER B 39 -4.70 -22.11 10.02
C SER B 39 -4.61 -20.79 9.27
N VAL B 40 -5.56 -19.89 9.55
CA VAL B 40 -5.53 -18.58 8.92
C VAL B 40 -4.28 -17.81 9.34
N GLU B 41 -3.94 -17.85 10.64
CA GLU B 41 -2.73 -17.18 11.10
C GLU B 41 -1.49 -17.88 10.56
N GLU B 42 -1.48 -19.21 10.60
CA GLU B 42 -0.31 -19.94 10.11
C GLU B 42 -0.10 -19.72 8.60
N ARG B 43 -1.19 -19.70 7.82
CA ARG B 43 -1.06 -19.37 6.41
C ARG B 43 -0.51 -17.96 6.22
N ASN B 44 -0.96 -17.00 7.06
CA ASN B 44 -0.45 -15.64 6.91
C ASN B 44 1.01 -15.54 7.32
N LEU B 45 1.41 -16.28 8.36
CA LEU B 45 2.81 -16.28 8.78
C LEU B 45 3.71 -16.83 7.67
N LEU B 46 3.33 -17.94 7.05
CA LEU B 46 4.13 -18.50 5.96
C LEU B 46 4.16 -17.55 4.77
N SER B 47 3.06 -16.83 4.53
CA SER B 47 3.06 -15.84 3.45
C SER B 47 3.99 -14.68 3.78
N VAL B 48 3.92 -14.18 5.01
CA VAL B 48 4.76 -13.06 5.42
C VAL B 48 6.22 -13.44 5.36
N ALA B 49 6.54 -14.69 5.73
CA ALA B 49 7.93 -15.12 5.76
C ALA B 49 8.55 -15.08 4.37
N TYR B 50 7.92 -15.75 3.40
CA TYR B 50 8.49 -15.80 2.06
C TYR B 50 8.38 -14.44 1.36
N LYS B 51 7.34 -13.67 1.66
CA LYS B 51 7.19 -12.37 1.01
C LYS B 51 8.30 -11.41 1.41
N ASN B 52 8.63 -11.35 2.71
CA ASN B 52 9.71 -10.47 3.15
C ASN B 52 11.06 -10.96 2.64
N VAL B 53 11.27 -12.27 2.58
CA VAL B 53 12.55 -12.80 2.13
C VAL B 53 12.78 -12.50 0.65
N ILE B 54 11.85 -12.94 -0.21
CA ILE B 54 11.97 -12.64 -1.63
C ILE B 54 11.76 -11.16 -1.91
N GLY B 55 11.06 -10.45 -1.03
CA GLY B 55 10.94 -9.01 -1.21
C GLY B 55 12.28 -8.32 -1.22
N ALA B 56 13.14 -8.66 -0.26
CA ALA B 56 14.46 -8.05 -0.19
C ALA B 56 15.31 -8.37 -1.42
N ARG B 57 15.15 -9.55 -2.00
CA ARG B 57 15.93 -9.92 -3.18
C ARG B 57 15.43 -9.18 -4.42
N ARG B 58 14.11 -9.10 -4.60
CA ARG B 58 13.54 -8.29 -5.67
C ARG B 58 14.00 -6.84 -5.57
N ALA B 59 14.04 -6.30 -4.36
CA ALA B 59 14.55 -4.95 -4.17
C ALA B 59 16.03 -4.85 -4.54
N SER B 60 16.79 -5.92 -4.32
CA SER B 60 18.20 -5.89 -4.68
C SER B 60 18.37 -6.00 -6.19
N TRP B 61 17.64 -6.93 -6.82
CA TRP B 61 17.71 -7.07 -8.27
C TRP B 61 17.30 -5.79 -8.97
N ARG B 62 16.32 -5.08 -8.40
CA ARG B 62 15.80 -3.86 -9.03
C ARG B 62 16.84 -2.75 -9.02
N ILE B 63 17.53 -2.57 -7.88
CA ILE B 63 18.56 -1.54 -7.79
C ILE B 63 19.74 -1.88 -8.69
N VAL B 64 20.26 -3.11 -8.56
CA VAL B 64 21.42 -3.51 -9.33
C VAL B 64 21.14 -3.41 -10.84
N SER B 65 19.93 -3.77 -11.26
CA SER B 65 19.60 -3.70 -12.68
C SER B 65 19.61 -2.25 -13.17
N SER B 66 19.20 -1.31 -12.33
CA SER B 66 19.25 0.09 -12.73
C SER B 66 20.69 0.58 -12.83
N ILE B 67 21.54 0.18 -11.88
CA ILE B 67 22.97 0.50 -11.94
C ILE B 67 23.55 0.01 -13.26
N GLU B 68 23.21 -1.22 -13.65
CA GLU B 68 23.72 -1.76 -14.92
C GLU B 68 23.23 -0.96 -16.11
N GLN B 69 21.92 -0.69 -16.18
CA GLN B 69 21.39 0.09 -17.29
C GLN B 69 22.09 1.44 -17.40
N LYS B 70 22.40 2.08 -16.26
CA LYS B 70 23.08 3.38 -16.30
C LYS B 70 24.54 3.26 -16.73
N GLU B 71 25.15 2.10 -16.50
CA GLU B 71 26.55 1.90 -16.86
C GLU B 71 26.74 1.34 -18.26
N GLU B 72 25.78 0.55 -18.76
CA GLU B 72 25.86 0.06 -20.13
C GLU B 72 25.82 1.21 -21.12
N SER B 73 25.12 2.29 -20.77
CA SER B 73 25.04 3.49 -21.59
C SER B 73 26.11 4.50 -21.20
N LYS B 74 27.35 4.05 -21.19
CA LYS B 74 28.48 4.90 -20.82
C LYS B 74 29.67 4.50 -21.65
N GLU B 75 30.51 5.50 -21.95
CA GLU B 75 31.75 5.28 -22.68
C GLU B 75 32.85 4.83 -21.73
N LYS B 76 33.65 3.86 -22.17
CA LYS B 76 34.79 3.33 -21.41
C LYS B 76 34.35 2.83 -20.02
N SER B 77 33.38 1.93 -20.03
CA SER B 77 32.85 1.31 -18.81
C SER B 77 32.66 -0.19 -19.00
N GLU B 78 33.62 -0.83 -19.66
CA GLU B 78 33.42 -2.25 -19.98
C GLU B 78 33.62 -3.13 -18.77
N HIS B 79 34.66 -2.88 -17.97
CA HIS B 79 34.93 -3.75 -16.83
C HIS B 79 33.86 -3.63 -15.75
N GLN B 80 33.20 -2.48 -15.65
CA GLN B 80 32.18 -2.30 -14.62
C GLN B 80 30.92 -3.11 -14.94
N VAL B 81 30.51 -3.14 -16.21
CA VAL B 81 29.32 -3.90 -16.57
C VAL B 81 29.53 -5.39 -16.37
N GLU B 82 30.79 -5.86 -16.38
CA GLU B 82 31.04 -7.28 -16.13
C GLU B 82 30.77 -7.61 -14.66
N LEU B 83 31.23 -6.77 -13.73
CA LEU B 83 31.08 -7.06 -12.32
C LEU B 83 29.62 -6.96 -11.89
N ILE B 84 28.89 -5.98 -12.42
CA ILE B 84 27.49 -5.82 -12.07
C ILE B 84 26.65 -6.96 -12.66
N CYS B 85 27.01 -7.42 -13.86
CA CYS B 85 26.23 -8.49 -14.49
C CYS B 85 26.31 -9.78 -13.70
N SER B 86 27.50 -10.14 -13.23
CA SER B 86 27.63 -11.34 -12.40
C SER B 86 27.00 -11.13 -11.02
N TYR B 87 27.01 -9.88 -10.54
CA TYR B 87 26.33 -9.60 -9.27
C TYR B 87 24.81 -9.66 -9.45
N ARG B 88 24.31 -9.11 -10.55
CA ARG B 88 22.89 -9.27 -10.87
C ARG B 88 22.53 -10.75 -10.94
N SER B 89 23.32 -11.53 -11.68
CA SER B 89 23.04 -12.94 -11.82
C SER B 89 23.07 -13.67 -10.49
N LYS B 90 23.96 -13.27 -9.59
CA LYS B 90 23.99 -13.89 -8.26
C LYS B 90 22.68 -13.63 -7.51
N ILE B 91 22.07 -12.47 -7.73
CA ILE B 91 20.79 -12.19 -7.10
C ILE B 91 19.69 -13.04 -7.72
N GLU B 92 19.70 -13.16 -9.05
CA GLU B 92 18.65 -13.93 -9.72
C GLU B 92 18.73 -15.41 -9.39
N THR B 93 19.93 -15.94 -9.12
CA THR B 93 20.00 -17.33 -8.68
C THR B 93 19.35 -17.52 -7.33
N GLU B 94 19.62 -16.60 -6.38
CA GLU B 94 18.91 -16.66 -5.12
C GLU B 94 17.45 -16.28 -5.26
N LEU B 95 17.10 -15.56 -6.33
CA LEU B 95 15.70 -15.29 -6.61
C LEU B 95 14.97 -16.55 -7.09
N THR B 96 15.60 -17.31 -7.98
CA THR B 96 15.02 -18.57 -8.41
C THR B 96 15.01 -19.59 -7.27
N LYS B 97 16.03 -19.55 -6.41
CA LYS B 97 16.08 -20.51 -5.30
C LYS B 97 14.91 -20.32 -4.35
N ILE B 98 14.68 -19.08 -3.90
CA ILE B 98 13.56 -18.80 -3.00
C ILE B 98 12.25 -19.23 -3.63
N SER B 99 12.05 -18.90 -4.91
CA SER B 99 10.81 -19.23 -5.60
C SER B 99 10.62 -20.73 -5.73
N ASP B 100 11.66 -21.43 -6.19
CA ASP B 100 11.55 -22.88 -6.39
C ASP B 100 11.38 -23.63 -5.07
N ASP B 101 11.81 -23.04 -3.96
CA ASP B 101 11.65 -23.72 -2.67
C ASP B 101 10.22 -23.61 -2.16
N ILE B 102 9.61 -22.42 -2.29
CA ILE B 102 8.22 -22.28 -1.85
C ILE B 102 7.28 -22.95 -2.84
N LEU B 103 7.63 -22.95 -4.13
CA LEU B 103 6.83 -23.68 -5.12
C LEU B 103 6.78 -25.17 -4.84
N SER B 104 7.86 -25.72 -4.25
CA SER B 104 7.85 -27.14 -3.87
C SER B 104 6.91 -27.39 -2.70
N VAL B 105 6.89 -26.50 -1.71
CA VAL B 105 6.00 -26.65 -0.56
C VAL B 105 4.54 -26.61 -1.01
N LEU B 106 4.23 -25.71 -1.95
CA LEU B 106 2.86 -25.64 -2.46
C LEU B 106 2.50 -26.88 -3.26
N ASP B 107 3.37 -27.27 -4.21
CA ASP B 107 3.03 -28.35 -5.13
C ASP B 107 3.01 -29.71 -4.45
N SER B 108 3.80 -29.91 -3.40
CA SER B 108 3.91 -31.22 -2.78
C SER B 108 3.27 -31.33 -1.40
N HIS B 109 3.11 -30.21 -0.68
CA HIS B 109 2.55 -30.27 0.67
C HIS B 109 1.26 -29.48 0.83
N LEU B 110 1.24 -28.22 0.40
CA LEU B 110 0.12 -27.35 0.75
C LEU B 110 -1.07 -27.54 -0.18
N ILE B 111 -0.84 -27.46 -1.50
CA ILE B 111 -1.96 -27.55 -2.43
C ILE B 111 -2.63 -28.93 -2.40
N PRO B 112 -1.91 -30.05 -2.36
CA PRO B 112 -2.59 -31.35 -2.30
C PRO B 112 -3.36 -31.56 -0.99
N SER B 113 -2.98 -30.87 0.08
CA SER B 113 -3.60 -31.02 1.38
C SER B 113 -4.64 -29.96 1.69
N ALA B 114 -4.90 -29.04 0.76
CA ALA B 114 -5.87 -27.98 1.00
C ALA B 114 -7.29 -28.53 0.93
N THR B 115 -8.08 -28.26 1.97
CA THR B 115 -9.43 -28.78 2.12
C THR B 115 -10.51 -27.71 2.00
N THR B 116 -10.22 -26.47 2.39
CA THR B 116 -11.20 -25.40 2.35
C THR B 116 -10.99 -24.52 1.12
N GLY B 117 -12.08 -23.89 0.67
CA GLY B 117 -12.00 -22.98 -0.45
C GLY B 117 -11.18 -21.74 -0.17
N GLU B 118 -11.05 -21.36 1.10
CA GLU B 118 -10.22 -20.22 1.46
C GLU B 118 -8.75 -20.52 1.22
N SER B 119 -8.27 -21.67 1.70
CA SER B 119 -6.86 -21.99 1.53
C SER B 119 -6.56 -22.44 0.10
N LYS B 120 -7.54 -23.01 -0.60
CA LYS B 120 -7.31 -23.42 -1.98
C LYS B 120 -6.98 -22.22 -2.86
N VAL B 121 -7.81 -21.18 -2.78
CA VAL B 121 -7.53 -19.96 -3.53
C VAL B 121 -6.26 -19.30 -3.02
N PHE B 122 -6.06 -19.28 -1.70
CA PHE B 122 -4.88 -18.64 -1.12
C PHE B 122 -3.61 -19.30 -1.63
N TYR B 123 -3.58 -20.64 -1.63
CA TYR B 123 -2.35 -21.33 -2.02
C TYR B 123 -2.11 -21.23 -3.52
N TYR B 124 -3.16 -21.34 -4.34
CA TYR B 124 -2.98 -21.22 -5.77
C TYR B 124 -2.62 -19.79 -6.18
N LYS B 125 -3.15 -18.79 -5.48
CA LYS B 125 -2.69 -17.42 -5.69
C LYS B 125 -1.23 -17.27 -5.32
N MET B 126 -0.81 -17.92 -4.22
CA MET B 126 0.60 -17.89 -3.84
C MET B 126 1.48 -18.49 -4.92
N LYS B 127 1.01 -19.58 -5.55
CA LYS B 127 1.77 -20.20 -6.63
C LYS B 127 1.86 -19.29 -7.84
N GLY B 128 0.80 -18.54 -8.13
CA GLY B 128 0.84 -17.59 -9.22
C GLY B 128 1.66 -16.36 -8.93
N ASP B 129 1.92 -16.07 -7.65
CA ASP B 129 2.72 -14.90 -7.31
C ASP B 129 4.20 -15.17 -7.52
N TYR B 130 4.67 -16.35 -7.15
CA TYR B 130 6.10 -16.60 -7.20
C TYR B 130 6.54 -17.03 -8.59
N HIS B 131 5.67 -17.66 -9.36
CA HIS B 131 5.93 -17.83 -10.79
C HIS B 131 5.98 -16.48 -11.49
N ARG B 132 5.21 -15.52 -10.98
CA ARG B 132 5.27 -14.15 -11.51
C ARG B 132 6.55 -13.45 -11.08
N TYR B 133 7.02 -13.69 -9.86
CA TYR B 133 8.32 -13.15 -9.47
C TYR B 133 9.40 -13.68 -10.39
N LEU B 134 9.34 -14.96 -10.76
CA LEU B 134 10.35 -15.53 -11.64
C LEU B 134 10.37 -14.83 -13.00
N ALA B 135 9.18 -14.55 -13.55
CA ALA B 135 9.05 -13.87 -14.82
C ALA B 135 9.47 -12.40 -14.75
N GLU B 136 9.60 -11.84 -13.55
CA GLU B 136 10.03 -10.46 -13.43
C GLU B 136 11.46 -10.25 -13.91
N PHE B 137 12.34 -11.23 -13.67
CA PHE B 137 13.74 -11.10 -14.05
C PHE B 137 14.19 -12.08 -15.12
N SER B 138 13.53 -13.23 -15.25
CA SER B 138 13.88 -14.19 -16.28
C SER B 138 13.58 -13.64 -17.66
N SER B 139 14.17 -14.27 -18.67
CA SER B 139 13.94 -13.89 -20.05
C SER B 139 14.12 -15.12 -20.93
N GLY B 140 13.53 -15.04 -22.13
CA GLY B 140 13.66 -16.10 -23.11
C GLY B 140 12.78 -17.31 -22.85
N ASP B 141 13.40 -18.46 -22.65
CA ASP B 141 12.64 -19.69 -22.42
C ASP B 141 12.18 -19.81 -20.98
N ALA B 142 13.04 -19.44 -20.02
CA ALA B 142 12.66 -19.54 -18.61
C ALA B 142 11.54 -18.57 -18.26
N ARG B 143 11.44 -17.45 -18.96
CA ARG B 143 10.35 -16.50 -18.71
C ARG B 143 9.01 -17.04 -19.20
N GLU B 144 8.99 -17.64 -20.39
CA GLU B 144 7.74 -18.17 -20.91
C GLU B 144 7.21 -19.27 -20.01
N LYS B 145 8.07 -20.17 -19.55
CA LYS B 145 7.62 -21.22 -18.63
C LYS B 145 7.09 -20.62 -17.34
N ALA B 146 7.75 -19.56 -16.85
CA ALA B 146 7.27 -18.89 -15.64
C ALA B 146 5.99 -18.13 -15.91
N THR B 147 5.90 -17.47 -17.06
CA THR B 147 4.68 -16.75 -17.42
C THR B 147 3.50 -17.71 -17.57
N ASN B 148 3.71 -18.82 -18.28
CA ASN B 148 2.61 -19.74 -18.50
C ASN B 148 2.18 -20.40 -17.20
N ALA B 149 3.12 -20.67 -16.31
CA ALA B 149 2.78 -21.24 -15.00
C ALA B 149 2.07 -20.21 -14.12
N SER B 150 2.52 -18.95 -14.17
CA SER B 150 1.88 -17.92 -13.37
C SER B 150 0.43 -17.72 -13.78
N LEU B 151 0.14 -17.83 -15.09
CA LEU B 151 -1.21 -17.61 -15.58
C LEU B 151 -2.12 -18.79 -15.26
N GLU B 152 -1.58 -20.02 -15.32
CA GLU B 152 -2.40 -21.18 -15.04
C GLU B 152 -2.79 -21.24 -13.56
N ALA B 153 -1.90 -20.82 -12.66
CA ALA B 153 -2.26 -20.83 -11.25
C ALA B 153 -3.28 -19.75 -10.93
N TYR B 154 -3.09 -18.53 -11.47
CA TYR B 154 -4.08 -17.47 -11.26
C TYR B 154 -5.45 -17.86 -11.81
N LYS B 155 -5.48 -18.48 -13.00
CA LYS B 155 -6.74 -18.92 -13.58
C LYS B 155 -7.41 -20.00 -12.73
N THR B 156 -6.62 -20.91 -12.16
CA THR B 156 -7.20 -21.93 -11.30
C THR B 156 -7.73 -21.31 -10.01
N ALA B 157 -6.93 -20.45 -9.37
CA ALA B 157 -7.38 -19.77 -8.16
C ALA B 157 -8.60 -18.91 -8.43
N SER B 158 -8.74 -18.37 -9.64
CA SER B 158 -9.93 -17.60 -9.99
C SER B 158 -11.13 -18.50 -10.24
N GLU B 159 -10.92 -19.68 -10.83
CA GLU B 159 -12.04 -20.59 -11.05
C GLU B 159 -12.51 -21.20 -9.75
N ILE B 160 -11.62 -21.36 -8.78
CA ILE B 160 -12.02 -21.82 -7.45
C ILE B 160 -12.67 -20.69 -6.67
N ALA B 161 -12.12 -19.48 -6.79
CA ALA B 161 -12.66 -18.37 -6.01
C ALA B 161 -14.01 -17.92 -6.55
N THR B 162 -14.25 -18.09 -7.86
CA THR B 162 -15.50 -17.63 -8.45
C THR B 162 -16.71 -18.38 -7.90
N THR B 163 -16.53 -19.54 -7.28
CA THR B 163 -17.62 -20.28 -6.65
C THR B 163 -17.46 -20.39 -5.14
N GLU B 164 -16.31 -20.86 -4.67
CA GLU B 164 -16.16 -21.21 -3.27
C GLU B 164 -16.04 -20.00 -2.35
N LEU B 165 -15.68 -18.83 -2.87
CA LEU B 165 -15.49 -17.66 -2.06
C LEU B 165 -16.43 -16.55 -2.48
N PRO B 166 -16.98 -15.78 -1.54
CA PRO B 166 -17.78 -14.63 -1.92
C PRO B 166 -16.94 -13.61 -2.66
N PRO B 167 -17.56 -12.77 -3.49
CA PRO B 167 -16.80 -11.82 -4.31
C PRO B 167 -16.19 -10.67 -3.51
N THR B 168 -16.46 -10.58 -2.22
CA THR B 168 -15.85 -9.56 -1.37
C THR B 168 -14.85 -10.14 -0.38
N HIS B 169 -14.56 -11.43 -0.46
CA HIS B 169 -13.56 -12.04 0.40
C HIS B 169 -12.19 -11.45 0.11
N PRO B 170 -11.41 -11.07 1.12
CA PRO B 170 -10.08 -10.47 0.85
C PRO B 170 -9.15 -11.39 0.08
N ILE B 171 -9.34 -12.70 0.14
CA ILE B 171 -8.50 -13.60 -0.64
C ILE B 171 -8.91 -13.58 -2.11
N ARG B 172 -10.21 -13.61 -2.38
CA ARG B 172 -10.68 -13.47 -3.75
C ARG B 172 -10.33 -12.10 -4.30
N LEU B 173 -10.58 -11.04 -3.51
CA LEU B 173 -10.25 -9.70 -3.95
C LEU B 173 -8.75 -9.51 -4.07
N GLY B 174 -7.98 -10.02 -3.10
CA GLY B 174 -6.54 -9.96 -3.20
C GLY B 174 -6.00 -10.73 -4.38
N LEU B 175 -6.64 -11.85 -4.74
CA LEU B 175 -6.22 -12.61 -5.92
C LEU B 175 -6.33 -11.76 -7.17
N ALA B 176 -7.45 -11.06 -7.34
CA ALA B 176 -7.65 -10.25 -8.54
C ALA B 176 -6.66 -9.10 -8.59
N LEU B 177 -6.29 -8.55 -7.44
CA LEU B 177 -5.26 -7.54 -7.38
C LEU B 177 -3.96 -8.03 -8.00
N ASN B 178 -3.48 -9.20 -7.55
CA ASN B 178 -2.22 -9.71 -8.08
C ASN B 178 -2.39 -10.27 -9.49
N PHE B 179 -3.58 -10.75 -9.83
CA PHE B 179 -3.84 -11.25 -11.18
C PHE B 179 -3.81 -10.12 -12.18
N SER B 180 -4.49 -9.01 -11.86
CA SER B 180 -4.45 -7.84 -12.73
C SER B 180 -3.05 -7.24 -12.79
N VAL B 181 -2.31 -7.28 -11.68
CA VAL B 181 -0.91 -6.82 -11.72
C VAL B 181 -0.12 -7.67 -12.71
N PHE B 182 -0.37 -8.99 -12.72
CA PHE B 182 0.39 -9.87 -13.61
C PHE B 182 0.16 -9.53 -15.07
N TYR B 183 -1.09 -9.22 -15.43
CA TYR B 183 -1.41 -8.87 -16.81
C TYR B 183 -0.76 -7.56 -17.24
N TYR B 184 -0.55 -6.64 -16.30
CA TYR B 184 0.01 -5.35 -16.67
C TYR B 184 1.51 -5.44 -16.95
N GLU B 185 2.26 -6.11 -16.08
CA GLU B 185 3.72 -6.13 -16.19
C GLU B 185 4.25 -7.28 -17.05
N ILE B 186 3.92 -8.51 -16.69
CA ILE B 186 4.51 -9.68 -17.33
C ILE B 186 3.90 -9.90 -18.71
N GLN B 187 2.58 -10.06 -18.75
CA GLN B 187 1.88 -10.25 -20.02
C GLN B 187 1.81 -8.96 -20.85
N ASN B 188 2.04 -7.81 -20.21
CA ASN B 188 2.03 -6.51 -20.89
C ASN B 188 0.69 -6.25 -21.58
N SER B 189 -0.39 -6.64 -20.92
CA SER B 189 -1.76 -6.48 -21.42
C SER B 189 -2.51 -5.53 -20.49
N PRO B 190 -2.38 -4.22 -20.69
CA PRO B 190 -3.10 -3.28 -19.81
C PRO B 190 -4.61 -3.41 -19.92
N ASP B 191 -5.14 -3.69 -21.12
CA ASP B 191 -6.58 -3.80 -21.28
C ASP B 191 -7.14 -5.00 -20.53
N LYS B 192 -6.51 -6.16 -20.69
CA LYS B 192 -6.95 -7.34 -19.94
C LYS B 192 -6.76 -7.16 -18.44
N ALA B 193 -5.74 -6.40 -18.03
CA ALA B 193 -5.55 -6.12 -16.61
C ALA B 193 -6.69 -5.28 -16.06
N CYS B 194 -7.00 -4.16 -16.74
CA CYS B 194 -8.05 -3.26 -16.24
C CYS B 194 -9.40 -3.93 -16.22
N HIS B 195 -9.69 -4.76 -17.22
CA HIS B 195 -10.99 -5.42 -17.27
C HIS B 195 -11.19 -6.33 -16.06
N LEU B 196 -10.17 -7.14 -15.73
CA LEU B 196 -10.28 -8.05 -14.61
C LEU B 196 -10.25 -7.31 -13.28
N ALA B 197 -9.45 -6.24 -13.19
CA ALA B 197 -9.41 -5.48 -11.95
C ALA B 197 -10.71 -4.71 -11.72
N LYS B 198 -11.27 -4.12 -12.78
CA LYS B 198 -12.51 -3.38 -12.63
C LYS B 198 -13.70 -4.31 -12.36
N GLN B 199 -13.74 -5.47 -13.03
CA GLN B 199 -14.82 -6.42 -12.80
C GLN B 199 -14.78 -6.93 -11.37
N ALA B 200 -13.59 -7.10 -10.80
CA ALA B 200 -13.51 -7.54 -9.42
C ALA B 200 -14.04 -6.48 -8.46
N PHE B 201 -13.85 -5.20 -8.82
CA PHE B 201 -14.37 -4.11 -7.98
C PHE B 201 -15.89 -4.03 -8.07
N ASP B 202 -16.45 -4.29 -9.25
CA ASP B 202 -17.89 -4.28 -9.42
C ASP B 202 -18.53 -5.53 -8.85
N ASP B 203 -17.93 -6.70 -9.10
CA ASP B 203 -18.42 -7.92 -8.47
C ASP B 203 -18.40 -7.79 -6.95
N ALA B 204 -17.38 -7.11 -6.42
CA ALA B 204 -17.30 -6.91 -4.98
C ALA B 204 -18.35 -5.94 -4.48
N ILE B 205 -19.08 -5.27 -5.36
CA ILE B 205 -20.17 -4.39 -4.92
C ILE B 205 -21.39 -5.31 -4.80
N ALA B 206 -21.37 -6.11 -3.74
CA ALA B 206 -22.49 -6.85 -3.17
C ALA B 206 -22.37 -6.80 -1.65
N GLU B 207 -22.04 -5.61 -1.13
CA GLU B 207 -21.59 -5.44 0.26
C GLU B 207 -22.55 -6.02 1.27
N GLU B 214 -15.97 -8.94 9.80
CA GLU B 214 -14.70 -9.43 10.33
C GLU B 214 -13.55 -9.18 9.38
N SER B 215 -13.80 -9.24 8.08
CA SER B 215 -12.83 -8.92 7.05
C SER B 215 -13.22 -7.65 6.30
N TYR B 216 -14.00 -6.78 6.94
CA TYR B 216 -14.49 -5.58 6.28
C TYR B 216 -13.36 -4.59 6.01
N LYS B 217 -12.52 -4.34 7.02
CA LYS B 217 -11.43 -3.38 6.82
C LYS B 217 -10.42 -3.90 5.80
N ASP B 218 -10.25 -5.22 5.73
CA ASP B 218 -9.32 -5.82 4.79
C ASP B 218 -9.87 -5.79 3.36
N SER B 219 -11.16 -6.03 3.20
CA SER B 219 -11.76 -6.00 1.87
C SER B 219 -11.79 -4.58 1.32
N THR B 220 -12.12 -3.60 2.17
CA THR B 220 -12.17 -2.21 1.71
C THR B 220 -10.79 -1.71 1.31
N LEU B 221 -9.74 -2.24 1.93
CA LEU B 221 -8.38 -1.90 1.55
C LEU B 221 -8.06 -2.42 0.15
N ILE B 222 -8.37 -3.69 -0.11
CA ILE B 222 -8.08 -4.27 -1.41
C ILE B 222 -8.78 -3.49 -2.51
N MET B 223 -10.03 -3.07 -2.26
CA MET B 223 -10.77 -2.33 -3.26
C MET B 223 -10.09 -1.00 -3.58
N GLN B 224 -9.46 -0.37 -2.59
CA GLN B 224 -8.71 0.85 -2.87
C GLN B 224 -7.44 0.53 -3.64
N LEU B 225 -6.79 -0.58 -3.32
CA LEU B 225 -5.60 -1.01 -4.06
C LEU B 225 -5.95 -1.32 -5.51
N LEU B 226 -7.12 -1.91 -5.74
CA LEU B 226 -7.58 -2.13 -7.10
C LEU B 226 -7.87 -0.79 -7.79
N ARG B 227 -8.46 0.15 -7.06
CA ARG B 227 -8.76 1.44 -7.66
C ARG B 227 -7.47 2.22 -7.91
N ASP B 228 -6.50 2.12 -7.00
CA ASP B 228 -5.23 2.79 -7.21
C ASP B 228 -4.52 2.26 -8.44
N ASN B 229 -4.58 0.95 -8.65
CA ASN B 229 -3.98 0.37 -9.85
C ASN B 229 -4.79 0.71 -11.10
N LEU B 230 -6.11 0.66 -11.00
CA LEU B 230 -6.94 0.99 -12.15
C LEU B 230 -6.69 2.41 -12.61
N THR B 231 -6.54 3.35 -11.67
CA THR B 231 -6.27 4.73 -12.06
C THR B 231 -4.89 4.86 -12.66
N LEU B 232 -3.90 4.15 -12.09
CA LEU B 232 -2.55 4.19 -12.62
C LEU B 232 -2.48 3.58 -14.01
N TRP B 233 -3.22 2.50 -14.24
CA TRP B 233 -3.09 1.77 -15.51
C TRP B 233 -3.77 2.52 -16.64
N THR B 234 -4.91 3.17 -16.36
CA THR B 234 -5.54 4.09 -17.31
C THR B 234 -4.82 5.43 -17.40
N SER B 235 -3.77 5.63 -16.59
CA SER B 235 -2.99 6.87 -16.56
C SER B 235 -3.87 8.07 -16.24
N GLU C 6 -23.74 16.57 -30.03
CA GLU C 6 -22.40 16.32 -30.53
C GLU C 6 -21.34 16.62 -29.45
N ASP C 7 -21.36 17.85 -28.97
CA ASP C 7 -20.46 18.23 -27.89
C ASP C 7 -20.91 17.63 -26.56
N SER C 8 -22.22 17.43 -26.39
CA SER C 8 -22.72 16.82 -25.17
C SER C 8 -22.37 15.34 -25.11
N VAL C 9 -22.24 14.69 -26.27
CA VAL C 9 -21.84 13.28 -26.28
C VAL C 9 -20.35 13.14 -25.99
N TYR C 10 -19.55 14.16 -26.32
CA TYR C 10 -18.13 14.10 -26.05
C TYR C 10 -17.85 14.19 -24.55
N LEU C 11 -18.61 15.01 -23.84
CA LEU C 11 -18.44 15.11 -22.38
C LEU C 11 -18.86 13.83 -21.67
N ALA C 12 -19.79 13.06 -22.25
CA ALA C 12 -20.19 11.81 -21.64
C ALA C 12 -19.06 10.79 -21.69
N LYS C 13 -18.39 10.67 -22.83
CA LYS C 13 -17.23 9.79 -22.90
C LYS C 13 -16.10 10.25 -21.99
N LEU C 14 -15.96 11.57 -21.83
CA LEU C 14 -14.96 12.11 -20.90
C LEU C 14 -15.30 11.74 -19.47
N ALA C 15 -16.53 12.00 -19.04
CA ALA C 15 -16.95 11.69 -17.68
C ALA C 15 -16.99 10.20 -17.39
N GLU C 16 -17.09 9.36 -18.43
CA GLU C 16 -16.98 7.92 -18.21
C GLU C 16 -15.54 7.51 -17.89
N GLN C 17 -14.58 8.16 -18.54
CA GLN C 17 -13.17 7.91 -18.22
C GLN C 17 -12.85 8.37 -16.81
N ALA C 18 -13.33 9.56 -16.44
CA ALA C 18 -13.16 10.12 -15.11
C ALA C 18 -14.05 9.48 -14.06
N GLU C 19 -14.97 8.59 -14.48
CA GLU C 19 -15.88 7.89 -13.57
C GLU C 19 -16.74 8.87 -12.76
N ARG C 20 -17.02 10.04 -13.35
CA ARG C 20 -17.97 10.99 -12.76
C ARG C 20 -19.33 10.81 -13.45
N TYR C 21 -20.01 9.71 -13.08
CA TYR C 21 -21.18 9.25 -13.81
C TYR C 21 -22.39 10.16 -13.62
N GLU C 22 -22.44 10.93 -12.53
CA GLU C 22 -23.55 11.87 -12.37
C GLU C 22 -23.50 12.96 -13.43
N GLU C 23 -22.30 13.38 -13.83
CA GLU C 23 -22.15 14.33 -14.92
C GLU C 23 -22.37 13.67 -16.28
N MET C 24 -22.06 12.38 -16.40
CA MET C 24 -22.35 11.62 -17.61
C MET C 24 -23.85 11.51 -17.84
N VAL C 25 -24.63 11.42 -16.76
CA VAL C 25 -26.07 11.41 -16.90
C VAL C 25 -26.57 12.78 -17.36
N GLU C 26 -26.07 13.85 -16.73
CA GLU C 26 -26.55 15.18 -17.08
C GLU C 26 -26.24 15.50 -18.54
N ASN C 27 -25.09 15.08 -19.03
CA ASN C 27 -24.73 15.38 -20.41
C ASN C 27 -25.52 14.51 -21.38
N MET C 28 -25.68 13.22 -21.05
CA MET C 28 -26.51 12.36 -21.89
C MET C 28 -27.99 12.68 -21.74
N LYS C 29 -28.37 13.41 -20.70
CA LYS C 29 -29.77 13.83 -20.57
C LYS C 29 -30.13 14.86 -21.63
N THR C 30 -29.22 15.81 -21.90
CA THR C 30 -29.49 16.81 -22.93
C THR C 30 -29.54 16.20 -24.32
N VAL C 31 -28.84 15.08 -24.55
CA VAL C 31 -28.89 14.40 -25.85
C VAL C 31 -30.21 13.66 -26.02
N ALA C 32 -30.79 13.17 -24.93
CA ALA C 32 -32.10 12.53 -24.99
C ALA C 32 -33.25 13.51 -24.83
N SER C 33 -33.01 14.68 -24.21
CA SER C 33 -34.08 15.67 -24.10
C SER C 33 -34.56 16.12 -25.48
N SER C 34 -33.65 16.29 -26.42
CA SER C 34 -34.04 16.54 -27.81
C SER C 34 -34.71 15.29 -28.38
N GLY C 35 -35.92 15.45 -28.91
CA GLY C 35 -36.71 14.33 -29.37
C GLY C 35 -36.20 13.64 -30.62
N GLN C 36 -34.96 13.93 -31.00
CA GLN C 36 -34.34 13.26 -32.13
C GLN C 36 -33.96 11.84 -31.75
N GLU C 37 -34.11 10.92 -32.71
CA GLU C 37 -33.81 9.53 -32.45
C GLU C 37 -32.35 9.37 -32.04
N LEU C 38 -32.11 8.47 -31.10
CA LEU C 38 -30.76 8.22 -30.62
C LEU C 38 -30.01 7.33 -31.60
N SER C 39 -28.79 6.95 -31.23
CA SER C 39 -27.95 6.06 -32.01
C SER C 39 -27.46 4.93 -31.12
N VAL C 40 -26.89 3.90 -31.75
CA VAL C 40 -26.46 2.71 -31.00
C VAL C 40 -25.44 3.08 -29.93
N GLU C 41 -24.63 4.12 -30.17
CA GLU C 41 -23.65 4.55 -29.18
C GLU C 41 -24.32 5.36 -28.07
N GLU C 42 -25.08 6.39 -28.43
CA GLU C 42 -25.76 7.19 -27.42
C GLU C 42 -26.78 6.37 -26.63
N ARG C 43 -27.38 5.35 -27.27
CA ARG C 43 -28.31 4.48 -26.58
C ARG C 43 -27.61 3.76 -25.43
N ASN C 44 -26.35 3.36 -25.62
CA ASN C 44 -25.59 2.69 -24.57
C ASN C 44 -24.82 3.66 -23.69
N LEU C 45 -24.47 4.84 -24.21
CA LEU C 45 -23.89 5.86 -23.34
C LEU C 45 -24.89 6.32 -22.30
N LEU C 46 -26.17 6.44 -22.69
CA LEU C 46 -27.19 6.80 -21.72
C LEU C 46 -27.46 5.67 -20.74
N SER C 47 -27.30 4.43 -21.19
CA SER C 47 -27.59 3.28 -20.34
C SER C 47 -26.50 3.10 -19.28
N VAL C 48 -25.23 3.21 -19.68
CA VAL C 48 -24.14 3.01 -18.72
C VAL C 48 -24.07 4.17 -17.74
N ALA C 49 -24.45 5.38 -18.18
CA ALA C 49 -24.45 6.53 -17.28
C ALA C 49 -25.42 6.31 -16.12
N TYR C 50 -26.66 5.93 -16.44
CA TYR C 50 -27.66 5.68 -15.39
C TYR C 50 -27.38 4.39 -14.64
N LYS C 51 -26.80 3.39 -15.31
CA LYS C 51 -26.48 2.13 -14.63
C LYS C 51 -25.52 2.35 -13.47
N ASN C 52 -24.52 3.22 -13.66
CA ASN C 52 -23.55 3.46 -12.62
C ASN C 52 -24.08 4.38 -11.53
N VAL C 53 -24.83 5.42 -11.92
CA VAL C 53 -25.38 6.33 -10.92
C VAL C 53 -26.35 5.60 -10.01
N ILE C 54 -27.32 4.89 -10.59
CA ILE C 54 -28.27 4.13 -9.77
C ILE C 54 -27.60 2.93 -9.11
N GLY C 55 -26.49 2.42 -9.66
CA GLY C 55 -25.85 1.27 -9.06
C GLY C 55 -25.17 1.57 -7.75
N ALA C 56 -24.70 2.81 -7.58
CA ALA C 56 -24.04 3.20 -6.34
C ALA C 56 -25.05 3.31 -5.20
N ARG C 57 -26.24 3.86 -5.49
CA ARG C 57 -27.24 4.02 -4.45
C ARG C 57 -27.87 2.69 -4.06
N ARG C 58 -28.13 1.83 -5.05
CA ARG C 58 -28.56 0.46 -4.74
C ARG C 58 -27.52 -0.26 -3.89
N ALA C 59 -26.23 -0.06 -4.19
CA ALA C 59 -25.17 -0.60 -3.36
C ALA C 59 -25.27 -0.08 -1.94
N SER C 60 -25.46 1.23 -1.79
CA SER C 60 -25.57 1.79 -0.44
C SER C 60 -26.86 1.37 0.23
N TRP C 61 -27.96 1.32 -0.53
CA TRP C 61 -29.23 0.86 0.04
C TRP C 61 -29.12 -0.59 0.51
N ARG C 62 -28.58 -1.47 -0.35
CA ARG C 62 -28.44 -2.87 0.04
C ARG C 62 -27.51 -3.02 1.24
N ILE C 63 -26.47 -2.19 1.34
CA ILE C 63 -25.54 -2.29 2.45
C ILE C 63 -26.14 -1.70 3.72
N VAL C 64 -26.82 -0.56 3.60
CA VAL C 64 -27.37 0.10 4.78
C VAL C 64 -28.56 -0.68 5.35
N SER C 65 -29.41 -1.22 4.47
CA SER C 65 -30.54 -2.01 4.94
C SER C 65 -30.07 -3.27 5.65
N SER C 66 -28.99 -3.90 5.15
CA SER C 66 -28.41 -5.06 5.82
C SER C 66 -27.71 -4.70 7.12
N ILE C 67 -27.36 -3.42 7.32
CA ILE C 67 -26.74 -3.00 8.58
C ILE C 67 -27.71 -3.16 9.73
N GLU C 68 -29.02 -3.04 9.46
CA GLU C 68 -30.02 -3.23 10.50
C GLU C 68 -30.09 -4.70 10.90
N GLN C 69 -29.31 -5.06 11.92
CA GLN C 69 -29.22 -6.44 12.38
C GLN C 69 -28.57 -6.50 13.76
N SER C 77 -30.35 -0.50 19.75
CA SER C 77 -31.07 0.64 20.30
C SER C 77 -32.13 1.11 19.30
N GLU C 78 -33.32 1.44 19.81
CA GLU C 78 -34.38 1.92 18.93
C GLU C 78 -33.99 3.21 18.23
N HIS C 79 -33.24 4.06 18.92
CA HIS C 79 -32.71 5.26 18.28
C HIS C 79 -31.76 4.89 17.15
N GLN C 80 -30.88 3.92 17.38
CA GLN C 80 -29.93 3.51 16.34
C GLN C 80 -30.64 2.87 15.16
N VAL C 81 -31.74 2.16 15.39
CA VAL C 81 -32.51 1.59 14.29
C VAL C 81 -33.26 2.68 13.55
N GLU C 82 -33.91 3.59 14.28
CA GLU C 82 -34.58 4.71 13.62
C GLU C 82 -33.60 5.71 13.03
N LEU C 83 -32.32 5.65 13.41
CA LEU C 83 -31.32 6.55 12.83
C LEU C 83 -30.92 6.10 11.43
N ILE C 84 -30.67 4.80 11.25
CA ILE C 84 -30.34 4.26 9.94
C ILE C 84 -31.55 4.14 9.03
N CYS C 85 -32.77 4.08 9.59
CA CYS C 85 -33.95 4.09 8.75
C CYS C 85 -34.15 5.45 8.10
N SER C 86 -33.73 6.51 8.78
CA SER C 86 -33.76 7.83 8.16
C SER C 86 -32.65 7.98 7.13
N TYR C 87 -31.50 7.33 7.37
CA TYR C 87 -30.41 7.38 6.41
C TYR C 87 -30.76 6.62 5.13
N ARG C 88 -31.54 5.55 5.26
CA ARG C 88 -32.00 4.81 4.09
C ARG C 88 -33.01 5.63 3.28
N SER C 89 -33.90 6.36 3.96
CA SER C 89 -34.82 7.24 3.25
C SER C 89 -34.06 8.30 2.45
N LYS C 90 -32.89 8.73 2.92
CA LYS C 90 -32.06 9.63 2.12
C LYS C 90 -31.63 8.95 0.82
N ILE C 91 -31.20 7.69 0.91
CA ILE C 91 -30.77 6.95 -0.28
C ILE C 91 -31.97 6.60 -1.16
N GLU C 92 -33.10 6.26 -0.54
CA GLU C 92 -34.28 5.92 -1.31
C GLU C 92 -34.78 7.11 -2.12
N THR C 93 -34.72 8.32 -1.57
CA THR C 93 -35.15 9.49 -2.31
C THR C 93 -34.27 9.73 -3.53
N GLU C 94 -32.96 9.47 -3.40
CA GLU C 94 -32.08 9.51 -4.56
C GLU C 94 -32.42 8.40 -5.55
N LEU C 95 -32.64 7.19 -5.03
CA LEU C 95 -33.05 6.07 -5.89
C LEU C 95 -34.33 6.40 -6.64
N THR C 96 -35.26 7.09 -5.98
CA THR C 96 -36.52 7.45 -6.63
C THR C 96 -36.30 8.53 -7.68
N LYS C 97 -35.51 9.56 -7.36
CA LYS C 97 -35.35 10.69 -8.28
C LYS C 97 -34.61 10.26 -9.56
N ILE C 98 -33.55 9.46 -9.42
CA ILE C 98 -32.77 9.02 -10.57
C ILE C 98 -33.58 8.09 -11.45
N SER C 99 -34.37 7.21 -10.84
CA SER C 99 -35.26 6.34 -11.60
C SER C 99 -36.36 7.14 -12.30
N ASP C 100 -36.92 8.14 -11.61
CA ASP C 100 -37.99 8.93 -12.21
C ASP C 100 -37.48 9.75 -13.39
N ASP C 101 -36.23 10.18 -13.34
CA ASP C 101 -35.69 11.01 -14.42
C ASP C 101 -35.50 10.19 -15.69
N ILE C 102 -34.93 8.99 -15.58
CA ILE C 102 -34.71 8.16 -16.75
C ILE C 102 -36.04 7.57 -17.25
N LEU C 103 -36.98 7.29 -16.36
CA LEU C 103 -38.26 6.75 -16.82
C LEU C 103 -39.06 7.81 -17.57
N SER C 104 -38.96 9.08 -17.15
CA SER C 104 -39.66 10.15 -17.85
C SER C 104 -39.01 10.43 -19.20
N VAL C 105 -37.72 10.14 -19.34
CA VAL C 105 -37.07 10.21 -20.65
C VAL C 105 -37.60 9.12 -21.57
N LEU C 106 -37.71 7.89 -21.06
CA LEU C 106 -38.18 6.78 -21.89
C LEU C 106 -39.65 6.97 -22.26
N ASP C 107 -40.50 7.27 -21.27
CA ASP C 107 -41.93 7.35 -21.49
C ASP C 107 -42.34 8.53 -22.37
N SER C 108 -41.47 9.51 -22.60
CA SER C 108 -41.83 10.72 -23.34
C SER C 108 -41.12 10.87 -24.68
N HIS C 109 -39.85 10.47 -24.79
CA HIS C 109 -39.09 10.72 -26.01
C HIS C 109 -38.57 9.45 -26.67
N LEU C 110 -37.92 8.55 -25.91
CA LEU C 110 -37.23 7.43 -26.54
C LEU C 110 -38.21 6.38 -27.05
N ILE C 111 -39.10 5.90 -26.18
CA ILE C 111 -40.07 4.87 -26.55
C ILE C 111 -41.07 5.39 -27.59
N PRO C 112 -41.67 6.58 -27.41
CA PRO C 112 -42.62 7.05 -28.44
C PRO C 112 -41.98 7.29 -29.80
N SER C 113 -40.75 7.80 -29.84
CA SER C 113 -40.09 8.16 -31.07
C SER C 113 -39.09 7.10 -31.53
N ALA C 114 -39.27 5.86 -31.10
CA ALA C 114 -38.43 4.76 -31.57
C ALA C 114 -38.98 4.23 -32.88
N THR C 115 -38.11 4.08 -33.87
CA THR C 115 -38.50 3.60 -35.19
C THR C 115 -38.21 2.13 -35.41
N THR C 116 -37.06 1.64 -34.94
CA THR C 116 -36.68 0.25 -35.15
C THR C 116 -37.10 -0.63 -33.98
N GLY C 117 -37.40 -1.89 -34.28
CA GLY C 117 -37.78 -2.82 -33.22
C GLY C 117 -36.65 -3.13 -32.27
N GLU C 118 -35.41 -3.06 -32.74
CA GLU C 118 -34.25 -3.31 -31.88
C GLU C 118 -34.20 -2.30 -30.74
N SER C 119 -34.37 -1.02 -31.08
CA SER C 119 -34.38 0.02 -30.06
C SER C 119 -35.60 -0.10 -29.16
N LYS C 120 -36.75 -0.46 -29.74
CA LYS C 120 -37.98 -0.60 -28.96
C LYS C 120 -37.80 -1.63 -27.85
N VAL C 121 -37.12 -2.74 -28.14
CA VAL C 121 -36.88 -3.76 -27.11
C VAL C 121 -35.90 -3.23 -26.07
N PHE C 122 -34.86 -2.52 -26.51
CA PHE C 122 -33.89 -1.96 -25.57
C PHE C 122 -34.55 -0.94 -24.64
N TYR C 123 -35.40 -0.07 -25.18
CA TYR C 123 -36.05 0.95 -24.36
C TYR C 123 -37.11 0.34 -23.45
N TYR C 124 -37.86 -0.65 -23.94
CA TYR C 124 -38.84 -1.28 -23.05
C TYR C 124 -38.15 -2.13 -21.99
N LYS C 125 -36.95 -2.63 -22.29
CA LYS C 125 -36.20 -3.34 -21.26
C LYS C 125 -35.64 -2.39 -20.22
N MET C 126 -35.25 -1.19 -20.66
CA MET C 126 -34.80 -0.17 -19.73
C MET C 126 -35.91 0.25 -18.78
N LYS C 127 -37.13 0.40 -19.30
CA LYS C 127 -38.26 0.82 -18.48
C LYS C 127 -38.55 -0.19 -17.38
N GLY C 128 -38.64 -1.47 -17.74
CA GLY C 128 -38.84 -2.49 -16.73
C GLY C 128 -37.70 -2.58 -15.73
N ASP C 129 -36.48 -2.22 -16.15
CA ASP C 129 -35.33 -2.30 -15.26
C ASP C 129 -35.47 -1.30 -14.11
N TYR C 130 -35.72 -0.03 -14.43
CA TYR C 130 -35.78 1.00 -13.39
C TYR C 130 -37.09 0.95 -12.62
N HIS C 131 -38.15 0.40 -13.20
CA HIS C 131 -39.33 0.06 -12.40
C HIS C 131 -39.00 -1.07 -11.42
N ARG C 132 -38.15 -2.00 -11.83
CA ARG C 132 -37.76 -3.08 -10.92
C ARG C 132 -36.89 -2.56 -9.80
N TYR C 133 -35.98 -1.63 -10.10
CA TYR C 133 -35.18 -1.02 -9.04
C TYR C 133 -36.07 -0.29 -8.05
N LEU C 134 -37.17 0.31 -8.52
CA LEU C 134 -38.13 0.92 -7.61
C LEU C 134 -38.75 -0.11 -6.68
N ALA C 135 -39.12 -1.27 -7.23
CA ALA C 135 -39.71 -2.34 -6.42
C ALA C 135 -38.72 -2.89 -5.39
N GLU C 136 -37.43 -2.67 -5.58
CA GLU C 136 -36.45 -3.21 -4.63
C GLU C 136 -36.52 -2.51 -3.27
N PHE C 137 -37.03 -1.29 -3.21
CA PHE C 137 -37.07 -0.53 -1.97
C PHE C 137 -38.42 0.08 -1.65
N SER C 138 -39.34 0.14 -2.61
CA SER C 138 -40.63 0.77 -2.38
C SER C 138 -41.49 -0.08 -1.45
N SER C 139 -42.50 0.57 -0.87
CA SER C 139 -43.41 -0.09 0.06
C SER C 139 -44.84 0.34 -0.28
N GLY C 140 -45.80 -0.44 0.23
CA GLY C 140 -47.20 -0.10 0.02
C GLY C 140 -47.58 -0.19 -1.44
N ASP C 141 -48.43 0.74 -1.88
CA ASP C 141 -48.85 0.77 -3.28
C ASP C 141 -47.79 1.33 -4.21
N ALA C 142 -46.66 1.79 -3.67
CA ALA C 142 -45.56 2.17 -4.55
C ALA C 142 -44.86 0.93 -5.10
N ARG C 143 -44.69 -0.10 -4.27
CA ARG C 143 -44.06 -1.33 -4.76
C ARG C 143 -45.02 -2.12 -5.63
N GLU C 144 -46.31 -2.12 -5.29
CA GLU C 144 -47.28 -2.85 -6.08
C GLU C 144 -47.40 -2.26 -7.48
N LYS C 145 -47.46 -0.93 -7.58
CA LYS C 145 -47.56 -0.30 -8.90
C LYS C 145 -46.26 -0.46 -9.68
N ALA C 146 -45.12 -0.37 -9.00
CA ALA C 146 -43.84 -0.56 -9.68
C ALA C 146 -43.67 -2.01 -10.14
N THR C 147 -44.20 -2.97 -9.38
CA THR C 147 -44.18 -4.36 -9.82
C THR C 147 -44.95 -4.54 -11.13
N ASN C 148 -46.16 -3.99 -11.20
CA ASN C 148 -46.94 -4.13 -12.43
C ASN C 148 -46.32 -3.35 -13.57
N ALA C 149 -45.73 -2.18 -13.27
CA ALA C 149 -45.13 -1.38 -14.33
C ALA C 149 -43.91 -2.05 -14.91
N SER C 150 -43.20 -2.85 -14.12
CA SER C 150 -42.01 -3.54 -14.61
C SER C 150 -42.38 -4.74 -15.46
N LEU C 151 -43.35 -5.54 -15.00
CA LEU C 151 -43.78 -6.71 -15.78
C LEU C 151 -44.41 -6.31 -17.11
N GLU C 152 -45.12 -5.17 -17.16
CA GLU C 152 -45.75 -4.74 -18.40
C GLU C 152 -44.71 -4.32 -19.43
N ALA C 153 -43.67 -3.59 -19.01
CA ALA C 153 -42.62 -3.22 -19.94
C ALA C 153 -41.79 -4.43 -20.36
N TYR C 154 -41.54 -5.34 -19.43
CA TYR C 154 -40.79 -6.55 -19.76
C TYR C 154 -41.58 -7.42 -20.74
N LYS C 155 -42.88 -7.64 -20.49
CA LYS C 155 -43.68 -8.49 -21.36
C LYS C 155 -43.84 -7.87 -22.74
N THR C 156 -43.98 -6.54 -22.81
CA THR C 156 -44.04 -5.87 -24.09
C THR C 156 -42.75 -6.06 -24.88
N ALA C 157 -41.60 -5.93 -24.20
CA ALA C 157 -40.31 -6.10 -24.86
C ALA C 157 -40.13 -7.53 -25.34
N SER C 158 -40.55 -8.51 -24.54
CA SER C 158 -40.39 -9.91 -24.93
C SER C 158 -41.26 -10.26 -26.14
N GLU C 159 -42.46 -9.67 -26.24
CA GLU C 159 -43.30 -9.93 -27.41
C GLU C 159 -42.68 -9.33 -28.67
N ILE C 160 -42.04 -8.17 -28.54
CA ILE C 160 -41.36 -7.55 -29.67
C ILE C 160 -40.02 -8.23 -29.94
N ALA C 161 -39.32 -8.67 -28.89
CA ALA C 161 -38.01 -9.28 -29.09
C ALA C 161 -38.12 -10.62 -29.81
N THR C 162 -39.20 -11.36 -29.58
CA THR C 162 -39.39 -12.66 -30.21
C THR C 162 -39.61 -12.58 -31.70
N THR C 163 -39.82 -11.39 -32.24
CA THR C 163 -40.03 -11.19 -33.67
C THR C 163 -38.96 -10.33 -34.33
N GLU C 164 -38.42 -9.34 -33.63
CA GLU C 164 -37.44 -8.44 -34.24
C GLU C 164 -36.00 -8.89 -34.00
N LEU C 165 -35.76 -9.62 -32.92
CA LEU C 165 -34.39 -10.01 -32.60
C LEU C 165 -34.25 -11.53 -32.66
N PRO C 166 -33.13 -12.02 -33.17
CA PRO C 166 -32.89 -13.47 -33.18
C PRO C 166 -32.65 -13.99 -31.77
N PRO C 167 -32.78 -15.30 -31.55
CA PRO C 167 -32.62 -15.83 -30.19
C PRO C 167 -31.22 -15.70 -29.62
N THR C 168 -30.22 -15.54 -30.48
CA THR C 168 -28.84 -15.37 -30.01
C THR C 168 -28.48 -13.90 -29.78
N HIS C 169 -29.28 -12.96 -30.31
CA HIS C 169 -28.99 -11.55 -30.16
C HIS C 169 -28.82 -11.20 -28.68
N PRO C 170 -27.80 -10.42 -28.31
CA PRO C 170 -27.57 -10.15 -26.88
C PRO C 170 -28.65 -9.28 -26.25
N ILE C 171 -29.34 -8.44 -27.04
CA ILE C 171 -30.42 -7.64 -26.48
C ILE C 171 -31.61 -8.54 -26.14
N ARG C 172 -31.89 -9.54 -26.98
CA ARG C 172 -32.93 -10.51 -26.66
C ARG C 172 -32.52 -11.37 -25.47
N LEU C 173 -31.23 -11.67 -25.35
CA LEU C 173 -30.74 -12.49 -24.26
C LEU C 173 -30.62 -11.69 -22.96
N GLY C 174 -30.06 -10.48 -23.03
CA GLY C 174 -29.99 -9.65 -21.86
C GLY C 174 -31.35 -9.25 -21.31
N LEU C 175 -32.35 -9.13 -22.20
CA LEU C 175 -33.72 -8.88 -21.76
C LEU C 175 -34.28 -10.07 -20.98
N ALA C 176 -33.99 -11.28 -21.45
CA ALA C 176 -34.45 -12.46 -20.74
C ALA C 176 -33.79 -12.57 -19.37
N LEU C 177 -32.51 -12.18 -19.27
CA LEU C 177 -31.82 -12.22 -17.99
C LEU C 177 -32.52 -11.33 -16.97
N ASN C 178 -32.72 -10.05 -17.32
CA ASN C 178 -33.33 -9.11 -16.39
C ASN C 178 -34.81 -9.43 -16.16
N PHE C 179 -35.48 -10.05 -17.12
CA PHE C 179 -36.87 -10.46 -16.93
C PHE C 179 -36.96 -11.60 -15.94
N SER C 180 -36.12 -12.64 -16.11
CA SER C 180 -36.12 -13.76 -15.19
C SER C 180 -35.72 -13.33 -13.79
N VAL C 181 -34.70 -12.46 -13.69
CA VAL C 181 -34.27 -11.96 -12.38
C VAL C 181 -35.42 -11.21 -11.70
N PHE C 182 -36.22 -10.48 -12.49
CA PHE C 182 -37.38 -9.80 -11.93
C PHE C 182 -38.37 -10.79 -11.32
N TYR C 183 -38.55 -11.94 -11.96
CA TYR C 183 -39.45 -12.96 -11.42
C TYR C 183 -38.93 -13.52 -10.10
N TYR C 184 -37.63 -13.82 -10.04
CA TYR C 184 -37.07 -14.42 -8.83
C TYR C 184 -36.94 -13.42 -7.69
N GLU C 185 -36.75 -12.13 -7.99
CA GLU C 185 -36.45 -11.14 -6.97
C GLU C 185 -37.68 -10.34 -6.52
N ILE C 186 -38.47 -9.84 -7.46
CA ILE C 186 -39.61 -8.98 -7.12
C ILE C 186 -40.84 -9.83 -6.84
N GLN C 187 -41.27 -10.61 -7.83
CA GLN C 187 -42.51 -11.39 -7.71
C GLN C 187 -42.31 -12.72 -6.99
N ASN C 188 -41.07 -13.07 -6.67
CA ASN C 188 -40.75 -14.30 -5.93
C ASN C 188 -41.28 -15.55 -6.64
N SER C 189 -41.01 -15.64 -7.93
CA SER C 189 -41.47 -16.74 -8.78
C SER C 189 -40.26 -17.54 -9.25
N PRO C 190 -39.79 -18.52 -8.47
CA PRO C 190 -38.63 -19.29 -8.92
C PRO C 190 -38.92 -20.12 -10.16
N ASP C 191 -40.13 -20.68 -10.29
CA ASP C 191 -40.44 -21.49 -11.45
C ASP C 191 -40.47 -20.65 -12.73
N LYS C 192 -41.08 -19.46 -12.67
CA LYS C 192 -41.09 -18.58 -13.83
C LYS C 192 -39.69 -18.06 -14.16
N ALA C 193 -38.87 -17.82 -13.13
CA ALA C 193 -37.51 -17.36 -13.38
C ALA C 193 -36.67 -18.43 -14.05
N CYS C 194 -36.74 -19.66 -13.57
CA CYS C 194 -35.95 -20.74 -14.17
C CYS C 194 -36.45 -21.11 -15.55
N HIS C 195 -37.77 -21.07 -15.77
CA HIS C 195 -38.32 -21.46 -17.06
C HIS C 195 -37.75 -20.60 -18.19
N LEU C 196 -37.82 -19.28 -18.02
CA LEU C 196 -37.37 -18.38 -19.07
C LEU C 196 -35.85 -18.38 -19.19
N ALA C 197 -35.15 -18.36 -18.06
CA ALA C 197 -33.70 -18.41 -18.11
C ALA C 197 -33.22 -19.62 -18.90
N LYS C 198 -33.88 -20.78 -18.72
CA LYS C 198 -33.47 -21.98 -19.45
C LYS C 198 -34.00 -21.96 -20.88
N GLN C 199 -35.23 -21.46 -21.10
CA GLN C 199 -35.74 -21.37 -22.46
C GLN C 199 -34.89 -20.44 -23.31
N ALA C 200 -34.46 -19.31 -22.74
CA ALA C 200 -33.64 -18.37 -23.51
C ALA C 200 -32.25 -18.93 -23.74
N PHE C 201 -31.70 -19.65 -22.76
CA PHE C 201 -30.37 -20.21 -22.92
C PHE C 201 -30.38 -21.36 -23.92
N ASP C 202 -31.41 -22.20 -23.87
CA ASP C 202 -31.51 -23.34 -24.78
C ASP C 202 -31.77 -22.87 -26.21
N ASP C 203 -32.60 -21.84 -26.38
CA ASP C 203 -32.92 -21.31 -27.71
C ASP C 203 -31.71 -20.67 -28.38
N ALA C 204 -30.70 -20.29 -27.61
CA ALA C 204 -29.49 -19.67 -28.14
C ALA C 204 -28.36 -20.68 -28.39
N ILE C 205 -28.63 -21.97 -28.20
CA ILE C 205 -27.62 -23.00 -28.46
C ILE C 205 -27.43 -23.12 -29.97
N ALA C 206 -26.31 -22.58 -30.46
CA ALA C 206 -26.00 -22.57 -31.89
C ALA C 206 -24.49 -22.41 -32.11
N TYR C 216 -22.66 -10.87 -30.28
CA TYR C 216 -21.52 -11.69 -30.65
C TYR C 216 -20.59 -11.92 -29.45
N LYS C 217 -19.68 -10.96 -29.22
CA LYS C 217 -18.74 -11.06 -28.10
C LYS C 217 -19.39 -10.82 -26.76
N ASP C 218 -20.71 -10.67 -26.69
CA ASP C 218 -21.41 -10.45 -25.42
C ASP C 218 -22.41 -11.53 -25.09
N SER C 219 -23.00 -12.18 -26.10
CA SER C 219 -24.01 -13.21 -25.85
C SER C 219 -23.44 -14.35 -25.03
N THR C 220 -22.16 -14.69 -25.24
CA THR C 220 -21.52 -15.72 -24.44
C THR C 220 -21.53 -15.36 -22.96
N LEU C 221 -21.15 -14.13 -22.63
CA LEU C 221 -21.20 -13.69 -21.25
C LEU C 221 -22.63 -13.70 -20.71
N ILE C 222 -23.62 -13.40 -21.57
CA ILE C 222 -25.00 -13.41 -21.13
C ILE C 222 -25.40 -14.80 -20.64
N MET C 223 -25.29 -15.79 -21.53
CA MET C 223 -25.64 -17.15 -21.16
C MET C 223 -24.80 -17.66 -20.00
N GLN C 224 -23.59 -17.12 -19.81
CA GLN C 224 -22.86 -17.42 -18.57
C GLN C 224 -23.65 -16.94 -17.36
N LEU C 225 -24.13 -15.69 -17.39
CA LEU C 225 -24.95 -15.17 -16.30
C LEU C 225 -26.26 -15.93 -16.18
N LEU C 226 -26.84 -16.37 -17.30
CA LEU C 226 -28.06 -17.17 -17.24
C LEU C 226 -27.81 -18.52 -16.59
N ARG C 227 -26.66 -19.15 -16.90
CA ARG C 227 -26.35 -20.45 -16.31
C ARG C 227 -26.03 -20.31 -14.83
N ASP C 228 -25.29 -19.27 -14.45
CA ASP C 228 -24.99 -19.06 -13.04
C ASP C 228 -26.25 -18.78 -12.23
N ASN C 229 -27.19 -18.02 -12.80
CA ASN C 229 -28.45 -17.77 -12.13
C ASN C 229 -29.28 -19.05 -12.04
N LEU C 230 -29.27 -19.88 -13.10
CA LEU C 230 -29.99 -21.15 -13.04
C LEU C 230 -29.42 -22.04 -11.95
N THR C 231 -28.09 -22.06 -11.80
CA THR C 231 -27.47 -22.90 -10.79
C THR C 231 -27.87 -22.47 -9.38
N LEU C 232 -27.95 -21.17 -9.14
CA LEU C 232 -28.31 -20.67 -7.82
C LEU C 232 -29.80 -20.85 -7.55
N TRP C 233 -30.63 -20.70 -8.59
CA TRP C 233 -32.09 -20.74 -8.40
C TRP C 233 -32.61 -22.17 -8.27
N THR C 234 -31.99 -23.14 -8.95
CA THR C 234 -32.40 -24.54 -8.86
C THR C 234 -31.79 -25.21 -7.64
N THR D 3 43.50 -5.84 -13.04
CA THR D 3 42.59 -5.56 -11.94
C THR D 3 42.48 -6.76 -10.99
N SER D 4 42.93 -6.59 -9.74
CA SER D 4 42.99 -7.68 -8.79
C SER D 4 42.09 -7.46 -7.59
N ARG D 5 42.25 -6.35 -6.86
CA ARG D 5 41.51 -6.10 -5.63
C ARG D 5 40.56 -4.93 -5.74
N GLU D 6 40.72 -4.10 -6.77
CA GLU D 6 39.83 -2.98 -7.01
C GLU D 6 38.41 -3.42 -7.33
N ASP D 7 38.21 -4.72 -7.58
CA ASP D 7 36.89 -5.25 -7.82
C ASP D 7 36.22 -5.68 -6.52
N SER D 8 37.00 -6.06 -5.50
CA SER D 8 36.42 -6.38 -4.21
C SER D 8 35.81 -5.15 -3.56
N VAL D 9 36.47 -3.99 -3.71
CA VAL D 9 35.92 -2.76 -3.15
C VAL D 9 34.74 -2.29 -3.98
N TYR D 10 34.80 -2.45 -5.30
CA TYR D 10 33.67 -2.05 -6.14
C TYR D 10 32.47 -2.95 -5.93
N LEU D 11 32.69 -4.23 -5.60
CA LEU D 11 31.56 -5.11 -5.29
C LEU D 11 30.94 -4.78 -3.95
N ALA D 12 31.73 -4.23 -3.02
CA ALA D 12 31.15 -3.78 -1.75
C ALA D 12 30.28 -2.55 -1.94
N LYS D 13 30.69 -1.63 -2.81
CA LYS D 13 29.86 -0.48 -3.14
C LYS D 13 28.58 -0.91 -3.87
N LEU D 14 28.64 -1.99 -4.65
CA LEU D 14 27.44 -2.56 -5.24
C LEU D 14 26.52 -3.15 -4.18
N ALA D 15 27.10 -3.85 -3.20
CA ALA D 15 26.33 -4.44 -2.12
C ALA D 15 25.74 -3.40 -1.19
N GLU D 16 26.34 -2.21 -1.09
CA GLU D 16 25.75 -1.16 -0.30
C GLU D 16 24.48 -0.63 -0.96
N GLN D 17 24.53 -0.39 -2.28
CA GLN D 17 23.35 0.10 -3.00
C GLN D 17 22.25 -0.94 -3.04
N ALA D 18 22.63 -2.22 -3.08
CA ALA D 18 21.69 -3.32 -3.09
C ALA D 18 21.26 -3.73 -1.68
N GLU D 19 21.81 -3.10 -0.65
CA GLU D 19 21.45 -3.31 0.76
C GLU D 19 21.81 -4.70 1.26
N ARG D 20 22.49 -5.51 0.45
CA ARG D 20 23.00 -6.81 0.87
C ARG D 20 24.29 -6.59 1.66
N TYR D 21 24.14 -6.30 2.95
CA TYR D 21 25.27 -5.89 3.78
C TYR D 21 26.11 -7.05 4.26
N GLU D 22 25.56 -8.26 4.28
CA GLU D 22 26.37 -9.42 4.64
C GLU D 22 27.44 -9.70 3.59
N GLU D 23 27.09 -9.53 2.31
CA GLU D 23 28.08 -9.66 1.25
C GLU D 23 29.07 -8.50 1.27
N MET D 24 28.63 -7.32 1.71
CA MET D 24 29.54 -6.17 1.81
C MET D 24 30.66 -6.46 2.79
N VAL D 25 30.34 -7.10 3.91
CA VAL D 25 31.37 -7.51 4.86
C VAL D 25 32.30 -8.53 4.24
N GLU D 26 31.74 -9.50 3.50
CA GLU D 26 32.56 -10.53 2.88
C GLU D 26 33.53 -9.96 1.86
N ASN D 27 33.21 -8.81 1.28
CA ASN D 27 34.10 -8.19 0.31
C ASN D 27 35.06 -7.20 0.95
N MET D 28 34.64 -6.51 2.01
CA MET D 28 35.53 -5.58 2.68
C MET D 28 36.47 -6.28 3.65
N LYS D 29 36.03 -7.40 4.24
CA LYS D 29 36.92 -8.15 5.12
C LYS D 29 38.09 -8.74 4.36
N THR D 30 37.87 -9.15 3.11
CA THR D 30 38.96 -9.58 2.24
C THR D 30 39.96 -8.44 2.02
N VAL D 31 39.46 -7.23 1.79
CA VAL D 31 40.35 -6.09 1.56
C VAL D 31 41.02 -5.68 2.86
N ALA D 32 40.30 -5.78 3.98
CA ALA D 32 40.85 -5.30 5.25
C ALA D 32 41.89 -6.26 5.80
N SER D 33 41.58 -7.56 5.83
CA SER D 33 42.48 -8.56 6.40
C SER D 33 43.75 -8.75 5.59
N SER D 34 43.81 -8.23 4.36
CA SER D 34 45.03 -8.34 3.58
C SER D 34 46.13 -7.46 4.17
N GLY D 35 47.36 -7.75 3.76
CA GLY D 35 48.53 -7.03 4.24
C GLY D 35 48.69 -5.67 3.60
N GLN D 36 47.66 -4.83 3.70
CA GLN D 36 47.63 -3.54 3.05
C GLN D 36 46.85 -2.57 3.91
N GLU D 37 47.25 -1.30 3.85
CA GLU D 37 46.60 -0.25 4.61
C GLU D 37 45.35 0.22 3.87
N LEU D 38 44.25 0.38 4.61
CA LEU D 38 43.02 0.85 4.00
C LEU D 38 43.07 2.35 3.78
N SER D 39 42.32 2.79 2.78
CA SER D 39 42.21 4.21 2.48
C SER D 39 41.05 4.82 3.27
N VAL D 40 40.91 6.15 3.16
CA VAL D 40 39.85 6.84 3.88
C VAL D 40 38.49 6.36 3.43
N GLU D 41 38.35 6.09 2.13
CA GLU D 41 37.10 5.58 1.59
C GLU D 41 36.89 4.11 1.95
N GLU D 42 37.98 3.33 1.94
CA GLU D 42 37.86 1.91 2.23
C GLU D 42 37.49 1.66 3.69
N ARG D 43 38.06 2.41 4.63
CA ARG D 43 37.69 2.21 6.02
C ARG D 43 36.25 2.61 6.27
N ASN D 44 35.72 3.55 5.49
CA ASN D 44 34.32 3.91 5.61
C ASN D 44 33.41 2.79 5.08
N LEU D 45 33.81 2.15 3.99
CA LEU D 45 33.08 0.99 3.50
C LEU D 45 33.15 -0.17 4.49
N LEU D 46 34.30 -0.37 5.12
CA LEU D 46 34.38 -1.39 6.16
C LEU D 46 33.52 -1.00 7.35
N SER D 47 33.33 0.29 7.58
CA SER D 47 32.54 0.74 8.72
C SER D 47 31.05 0.48 8.49
N VAL D 48 30.52 0.96 7.37
CA VAL D 48 29.09 0.81 7.11
C VAL D 48 28.72 -0.64 6.86
N ALA D 49 29.68 -1.46 6.46
CA ALA D 49 29.40 -2.89 6.28
C ALA D 49 29.17 -3.58 7.61
N TYR D 50 30.12 -3.45 8.54
CA TYR D 50 29.98 -4.10 9.84
C TYR D 50 28.92 -3.42 10.70
N LYS D 51 28.70 -2.12 10.51
CA LYS D 51 27.68 -1.43 11.30
C LYS D 51 26.28 -1.98 10.97
N ASN D 52 25.93 -2.00 9.68
CA ASN D 52 24.62 -2.49 9.28
C ASN D 52 24.44 -3.97 9.67
N VAL D 53 25.50 -4.77 9.55
CA VAL D 53 25.40 -6.19 9.89
C VAL D 53 25.20 -6.37 11.39
N ILE D 54 25.98 -5.63 12.20
CA ILE D 54 25.80 -5.74 13.64
C ILE D 54 24.52 -5.02 14.08
N GLY D 55 24.07 -4.04 13.30
CA GLY D 55 22.87 -3.32 13.67
C GLY D 55 21.62 -4.17 13.58
N ALA D 56 21.59 -5.09 12.63
CA ALA D 56 20.44 -5.98 12.51
C ALA D 56 20.34 -6.92 13.70
N ARG D 57 21.47 -7.37 14.23
CA ARG D 57 21.44 -8.26 15.38
C ARG D 57 21.05 -7.51 16.65
N ARG D 58 21.56 -6.28 16.81
CA ARG D 58 21.12 -5.46 17.94
C ARG D 58 19.65 -5.10 17.82
N ALA D 59 19.18 -4.79 16.61
CA ALA D 59 17.76 -4.56 16.40
C ALA D 59 16.94 -5.78 16.78
N SER D 60 17.44 -6.98 16.45
CA SER D 60 16.77 -8.20 16.85
C SER D 60 16.87 -8.41 18.35
N TRP D 61 18.06 -8.16 18.92
CA TRP D 61 18.28 -8.38 20.34
C TRP D 61 17.41 -7.47 21.20
N ARG D 62 17.14 -6.24 20.73
CA ARG D 62 16.31 -5.32 21.51
C ARG D 62 14.86 -5.78 21.56
N ILE D 63 14.32 -6.26 20.44
CA ILE D 63 12.93 -6.67 20.42
C ILE D 63 12.75 -7.96 21.21
N VAL D 64 13.75 -8.85 21.22
CA VAL D 64 13.54 -10.14 21.86
C VAL D 64 13.78 -10.05 23.38
N SER D 65 14.74 -9.24 23.82
CA SER D 65 14.96 -9.10 25.25
C SER D 65 13.81 -8.35 25.92
N SER D 66 13.14 -7.46 25.18
CA SER D 66 11.96 -6.78 25.71
C SER D 66 10.80 -7.76 25.92
N ILE D 67 10.61 -8.69 24.97
CA ILE D 67 9.51 -9.64 25.08
C ILE D 67 9.74 -10.64 26.22
N GLU D 68 11.00 -10.83 26.64
CA GLU D 68 11.28 -11.79 27.70
C GLU D 68 10.79 -11.29 29.06
N GLN D 69 11.03 -10.02 29.36
CA GLN D 69 10.68 -9.43 30.66
C GLN D 69 9.30 -8.78 30.67
N LYS D 70 8.60 -8.74 29.55
CA LYS D 70 7.26 -8.15 29.48
C LYS D 70 6.18 -9.22 29.56
N VAL D 81 8.55 -21.46 27.81
CA VAL D 81 9.26 -21.31 29.08
C VAL D 81 10.55 -20.54 28.84
N GLU D 82 11.66 -21.27 28.70
CA GLU D 82 12.94 -20.69 28.31
C GLU D 82 13.20 -20.87 26.81
N LEU D 83 12.14 -20.87 25.99
CA LEU D 83 12.33 -20.94 24.56
C LEU D 83 12.81 -19.61 23.99
N ILE D 84 12.25 -18.51 24.48
CA ILE D 84 12.75 -17.19 24.10
C ILE D 84 14.22 -17.04 24.49
N CYS D 85 14.58 -17.50 25.69
CA CYS D 85 15.98 -17.42 26.12
C CYS D 85 16.89 -18.15 25.15
N SER D 86 16.41 -19.25 24.57
CA SER D 86 17.21 -19.93 23.55
C SER D 86 17.32 -19.09 22.28
N TYR D 87 16.27 -18.34 21.94
CA TYR D 87 16.32 -17.52 20.74
C TYR D 87 17.29 -16.35 20.91
N ARG D 88 17.28 -15.71 22.07
CA ARG D 88 18.21 -14.60 22.31
C ARG D 88 19.66 -15.09 22.28
N SER D 89 19.90 -16.31 22.77
CA SER D 89 21.26 -16.85 22.72
C SER D 89 21.70 -17.08 21.28
N LYS D 90 20.77 -17.49 20.41
CA LYS D 90 21.11 -17.66 19.00
C LYS D 90 21.49 -16.34 18.35
N ILE D 91 20.79 -15.26 18.73
CA ILE D 91 21.13 -13.93 18.27
C ILE D 91 22.41 -13.43 18.95
N GLU D 92 22.61 -13.77 20.22
CA GLU D 92 23.81 -13.30 20.91
C GLU D 92 25.07 -13.96 20.36
N THR D 93 24.99 -15.25 20.02
CA THR D 93 26.13 -15.93 19.40
C THR D 93 26.45 -15.35 18.03
N GLU D 94 25.42 -14.83 17.33
CA GLU D 94 25.68 -14.13 16.07
C GLU D 94 26.40 -12.82 16.33
N LEU D 95 25.97 -12.08 17.37
CA LEU D 95 26.65 -10.84 17.73
C LEU D 95 28.12 -11.10 18.04
N THR D 96 28.42 -12.18 18.77
CA THR D 96 29.80 -12.47 19.13
C THR D 96 30.64 -12.76 17.89
N LYS D 97 30.20 -13.70 17.05
CA LYS D 97 31.01 -14.07 15.88
C LYS D 97 31.25 -12.88 14.96
N ILE D 98 30.35 -11.89 14.97
CA ILE D 98 30.48 -10.68 14.14
C ILE D 98 31.36 -9.64 14.83
N SER D 99 31.11 -9.35 16.11
CA SER D 99 31.94 -8.37 16.83
C SER D 99 33.37 -8.85 16.92
N ASP D 100 33.59 -10.16 17.10
CA ASP D 100 34.95 -10.67 17.16
C ASP D 100 35.61 -10.74 15.79
N ASP D 101 34.82 -10.74 14.71
CA ASP D 101 35.37 -10.73 13.36
C ASP D 101 36.04 -9.40 13.05
N ILE D 102 35.33 -8.29 13.30
CA ILE D 102 35.90 -6.97 13.06
C ILE D 102 37.00 -6.65 14.07
N LEU D 103 36.86 -7.11 15.32
CA LEU D 103 37.89 -6.83 16.31
C LEU D 103 39.20 -7.51 15.96
N SER D 104 39.14 -8.71 15.37
CA SER D 104 40.35 -9.35 14.91
C SER D 104 40.99 -8.58 13.76
N VAL D 105 40.16 -7.94 12.93
CA VAL D 105 40.68 -7.08 11.86
C VAL D 105 41.26 -5.80 12.44
N LEU D 106 40.57 -5.23 13.42
CA LEU D 106 41.02 -3.97 14.02
C LEU D 106 42.33 -4.15 14.78
N ASP D 107 42.48 -5.28 15.47
CA ASP D 107 43.63 -5.47 16.35
C ASP D 107 44.84 -6.02 15.63
N SER D 108 44.64 -6.80 14.57
CA SER D 108 45.77 -7.39 13.86
C SER D 108 46.30 -6.51 12.73
N HIS D 109 45.44 -5.74 12.06
CA HIS D 109 45.87 -4.99 10.87
C HIS D 109 45.69 -3.49 11.00
N LEU D 110 44.49 -3.02 11.36
CA LEU D 110 44.16 -1.61 11.18
C LEU D 110 44.87 -0.73 12.21
N ILE D 111 44.72 -1.06 13.50
CA ILE D 111 45.37 -0.26 14.55
C ILE D 111 46.89 -0.33 14.46
N PRO D 112 47.52 -1.51 14.31
CA PRO D 112 48.99 -1.51 14.16
C PRO D 112 49.50 -0.68 12.99
N SER D 113 48.70 -0.56 11.92
CA SER D 113 49.08 0.20 10.73
C SER D 113 48.70 1.67 10.81
N ALA D 114 47.97 2.08 11.85
CA ALA D 114 47.55 3.46 11.99
C ALA D 114 48.73 4.33 12.40
N THR D 115 49.03 5.34 11.59
CA THR D 115 50.17 6.22 11.82
C THR D 115 49.79 7.68 11.98
N THR D 116 48.74 8.13 11.33
CA THR D 116 48.27 9.50 11.48
C THR D 116 47.21 9.58 12.57
N GLY D 117 46.94 10.80 13.02
CA GLY D 117 45.99 11.00 14.11
C GLY D 117 44.56 10.71 13.72
N GLU D 118 44.16 11.12 12.50
CA GLU D 118 42.79 10.90 12.06
C GLU D 118 42.46 9.41 11.94
N SER D 119 43.43 8.57 11.57
CA SER D 119 43.22 7.13 11.45
C SER D 119 43.40 6.40 12.78
N LYS D 120 44.44 6.75 13.54
CA LYS D 120 44.63 6.14 14.85
C LYS D 120 43.44 6.40 15.78
N VAL D 121 42.76 7.53 15.59
CA VAL D 121 41.56 7.80 16.37
C VAL D 121 40.36 7.06 15.78
N PHE D 122 40.32 6.92 14.46
CA PHE D 122 39.19 6.25 13.81
C PHE D 122 39.16 4.76 14.16
N TYR D 123 40.34 4.14 14.27
CA TYR D 123 40.39 2.71 14.50
C TYR D 123 40.27 2.34 15.97
N TYR D 124 40.74 3.22 16.88
CA TYR D 124 40.51 2.96 18.29
C TYR D 124 39.07 3.24 18.67
N LYS D 125 38.40 4.14 17.93
CA LYS D 125 36.97 4.36 18.12
C LYS D 125 36.16 3.15 17.68
N MET D 126 36.58 2.51 16.59
CA MET D 126 35.89 1.29 16.14
C MET D 126 36.07 0.15 17.13
N LYS D 127 37.30 -0.04 17.64
CA LYS D 127 37.53 -1.11 18.60
C LYS D 127 36.65 -0.93 19.84
N GLY D 128 36.59 0.29 20.35
CA GLY D 128 35.70 0.56 21.46
C GLY D 128 34.24 0.43 21.09
N ASP D 129 33.91 0.69 19.82
CA ASP D 129 32.52 0.63 19.38
C ASP D 129 31.98 -0.79 19.51
N TYR D 130 32.74 -1.78 19.04
CA TYR D 130 32.25 -3.14 19.03
C TYR D 130 32.48 -3.86 20.36
N HIS D 131 33.46 -3.43 21.15
CA HIS D 131 33.47 -3.84 22.54
C HIS D 131 32.28 -3.26 23.29
N ARG D 132 31.85 -2.06 22.91
CA ARG D 132 30.64 -1.50 23.50
C ARG D 132 29.40 -2.30 23.12
N TYR D 133 29.35 -2.83 21.90
CA TYR D 133 28.22 -3.68 21.54
C TYR D 133 28.27 -5.01 22.27
N LEU D 134 29.47 -5.52 22.56
CA LEU D 134 29.58 -6.76 23.32
C LEU D 134 29.05 -6.56 24.73
N ALA D 135 29.44 -5.48 25.39
CA ALA D 135 29.00 -5.22 26.75
C ALA D 135 27.52 -4.88 26.82
N GLU D 136 26.87 -4.63 25.69
CA GLU D 136 25.44 -4.36 25.69
C GLU D 136 24.60 -5.61 26.03
N PHE D 137 25.15 -6.81 25.79
CA PHE D 137 24.42 -8.05 25.97
C PHE D 137 25.18 -9.15 26.72
N SER D 138 26.50 -9.02 26.89
CA SER D 138 27.30 -10.08 27.47
C SER D 138 26.97 -10.26 28.96
N SER D 139 27.42 -11.38 29.50
CA SER D 139 27.14 -11.74 30.89
C SER D 139 28.39 -12.35 31.51
N GLY D 140 28.54 -12.12 32.82
CA GLY D 140 29.66 -12.66 33.57
C GLY D 140 31.01 -12.11 33.17
N ASP D 141 31.93 -12.99 32.76
CA ASP D 141 33.27 -12.55 32.39
C ASP D 141 33.26 -11.78 31.08
N ALA D 142 32.43 -12.21 30.13
CA ALA D 142 32.39 -11.53 28.84
C ALA D 142 31.95 -10.07 28.98
N ARG D 143 31.06 -9.78 29.93
CA ARG D 143 30.62 -8.40 30.10
C ARG D 143 31.69 -7.56 30.75
N GLU D 144 32.29 -8.07 31.84
CA GLU D 144 33.32 -7.31 32.53
C GLU D 144 34.55 -7.08 31.66
N LYS D 145 34.93 -8.10 30.88
CA LYS D 145 36.11 -7.96 30.02
C LYS D 145 35.86 -6.95 28.90
N ALA D 146 34.68 -7.00 28.27
CA ALA D 146 34.39 -6.09 27.17
C ALA D 146 34.22 -4.65 27.67
N THR D 147 33.67 -4.48 28.87
CA THR D 147 33.49 -3.13 29.41
C THR D 147 34.83 -2.42 29.59
N ASN D 148 35.85 -3.15 30.03
CA ASN D 148 37.16 -2.53 30.20
C ASN D 148 37.88 -2.36 28.87
N ALA D 149 37.64 -3.27 27.92
CA ALA D 149 38.21 -3.13 26.59
C ALA D 149 37.62 -1.94 25.85
N SER D 150 36.31 -1.72 26.01
CA SER D 150 35.66 -0.57 25.39
C SER D 150 36.09 0.75 26.02
N LEU D 151 36.34 0.77 27.33
CA LEU D 151 36.76 2.01 27.99
C LEU D 151 38.22 2.36 27.68
N GLU D 152 39.10 1.35 27.64
CA GLU D 152 40.50 1.63 27.32
C GLU D 152 40.65 2.15 25.90
N ALA D 153 39.89 1.61 24.95
CA ALA D 153 39.99 2.05 23.57
C ALA D 153 39.48 3.48 23.39
N TYR D 154 38.36 3.81 24.03
CA TYR D 154 37.82 5.16 23.91
C TYR D 154 38.76 6.17 24.54
N LYS D 155 39.39 5.81 25.67
CA LYS D 155 40.35 6.72 26.30
C LYS D 155 41.61 6.89 25.45
N THR D 156 42.13 5.79 24.89
CA THR D 156 43.29 5.89 24.02
C THR D 156 43.02 6.79 22.82
N ALA D 157 41.83 6.67 22.21
CA ALA D 157 41.50 7.51 21.08
C ALA D 157 41.30 8.96 21.50
N SER D 158 40.62 9.16 22.64
CA SER D 158 40.32 10.52 23.09
C SER D 158 41.58 11.28 23.45
N GLU D 159 42.57 10.60 24.04
CA GLU D 159 43.85 11.23 24.32
C GLU D 159 44.54 11.66 23.03
N ILE D 160 44.50 10.80 22.00
CA ILE D 160 45.13 11.14 20.73
C ILE D 160 44.31 12.20 20.00
N ALA D 161 42.98 12.11 20.07
CA ALA D 161 42.13 13.07 19.39
C ALA D 161 42.12 14.43 20.05
N THR D 162 42.76 14.57 21.21
CA THR D 162 42.80 15.85 21.88
C THR D 162 43.92 16.73 21.35
N THR D 163 45.11 16.15 21.17
CA THR D 163 46.28 16.93 20.78
C THR D 163 46.51 16.96 19.27
N GLU D 164 46.02 15.96 18.54
CA GLU D 164 46.31 15.83 17.13
C GLU D 164 45.15 16.22 16.22
N LEU D 165 43.96 16.49 16.77
CA LEU D 165 42.84 16.87 15.94
C LEU D 165 42.14 18.10 16.52
N PRO D 166 41.73 19.03 15.65
CA PRO D 166 41.01 20.21 16.15
C PRO D 166 39.64 19.82 16.67
N PRO D 167 39.12 20.55 17.68
CA PRO D 167 37.82 20.17 18.26
C PRO D 167 36.68 20.13 17.26
N THR D 168 36.77 20.89 16.16
CA THR D 168 35.75 20.87 15.13
C THR D 168 35.88 19.70 14.17
N HIS D 169 36.88 18.85 14.33
CA HIS D 169 37.07 17.74 13.41
C HIS D 169 35.98 16.69 13.62
N PRO D 170 35.31 16.24 12.55
CA PRO D 170 34.20 15.30 12.73
C PRO D 170 34.61 13.94 13.22
N ILE D 171 35.86 13.53 12.99
CA ILE D 171 36.29 12.22 13.49
C ILE D 171 36.34 12.22 15.00
N ARG D 172 36.96 13.25 15.58
CA ARG D 172 37.01 13.34 17.04
C ARG D 172 35.67 13.74 17.64
N LEU D 173 34.76 14.29 16.83
CA LEU D 173 33.42 14.60 17.31
C LEU D 173 32.56 13.35 17.39
N GLY D 174 32.66 12.47 16.38
CA GLY D 174 31.98 11.20 16.47
C GLY D 174 32.53 10.31 17.56
N LEU D 175 33.81 10.47 17.90
CA LEU D 175 34.39 9.75 19.02
C LEU D 175 33.84 10.24 20.34
N ALA D 176 33.75 11.57 20.51
CA ALA D 176 33.17 12.13 21.72
C ALA D 176 31.69 11.79 21.84
N LEU D 177 31.02 11.56 20.71
CA LEU D 177 29.61 11.16 20.76
C LEU D 177 29.46 9.72 21.22
N ASN D 178 30.19 8.79 20.59
CA ASN D 178 30.08 7.39 20.96
C ASN D 178 30.72 7.09 22.32
N PHE D 179 31.56 8.00 22.83
CA PHE D 179 32.03 7.87 24.19
C PHE D 179 30.94 8.19 25.20
N SER D 180 30.09 9.17 24.89
CA SER D 180 29.01 9.52 25.80
C SER D 180 27.93 8.44 25.81
N VAL D 181 27.72 7.74 24.69
CA VAL D 181 26.79 6.63 24.68
C VAL D 181 27.30 5.49 25.56
N PHE D 182 28.63 5.32 25.63
CA PHE D 182 29.20 4.28 26.48
C PHE D 182 28.94 4.55 27.95
N TYR D 183 29.08 5.82 28.38
CA TYR D 183 28.88 6.14 29.78
C TYR D 183 27.44 5.96 30.21
N TYR D 184 26.50 6.14 29.29
CA TYR D 184 25.08 6.10 29.60
C TYR D 184 24.49 4.69 29.50
N GLU D 185 24.78 4.00 28.41
CA GLU D 185 24.17 2.71 28.13
C GLU D 185 24.89 1.54 28.77
N ILE D 186 26.12 1.72 29.25
CA ILE D 186 26.89 0.60 29.79
C ILE D 186 27.28 0.85 31.25
N GLN D 187 28.02 1.93 31.48
CA GLN D 187 28.52 2.23 32.83
C GLN D 187 27.47 2.87 33.72
N ASN D 188 26.29 3.17 33.18
CA ASN D 188 25.21 3.79 33.94
C ASN D 188 25.68 5.09 34.60
N SER D 189 26.27 5.96 33.79
CA SER D 189 26.77 7.26 34.23
C SER D 189 26.19 8.32 33.32
N PRO D 190 24.92 8.69 33.53
CA PRO D 190 24.33 9.75 32.69
C PRO D 190 24.95 11.11 32.91
N ASP D 191 25.42 11.42 34.12
CA ASP D 191 26.07 12.70 34.37
C ASP D 191 27.43 12.76 33.69
N LYS D 192 28.22 11.69 33.80
CA LYS D 192 29.49 11.60 33.09
C LYS D 192 29.30 11.62 31.59
N ALA D 193 28.20 11.05 31.10
CA ALA D 193 27.94 11.04 29.66
C ALA D 193 27.64 12.44 29.15
N CYS D 194 26.87 13.22 29.92
CA CYS D 194 26.51 14.56 29.46
C CYS D 194 27.71 15.48 29.45
N HIS D 195 28.61 15.35 30.42
CA HIS D 195 29.75 16.26 30.49
C HIS D 195 30.71 16.08 29.33
N LEU D 196 30.91 14.82 28.91
CA LEU D 196 31.72 14.55 27.73
C LEU D 196 31.08 15.16 26.48
N ALA D 197 29.77 15.00 26.33
CA ALA D 197 29.09 15.55 25.17
C ALA D 197 29.04 17.07 25.23
N LYS D 198 28.87 17.64 26.43
CA LYS D 198 28.84 19.09 26.53
C LYS D 198 30.24 19.69 26.36
N GLN D 199 31.29 18.94 26.70
CA GLN D 199 32.64 19.43 26.50
C GLN D 199 32.98 19.51 25.02
N ALA D 200 32.67 18.45 24.25
CA ALA D 200 32.98 18.47 22.83
C ALA D 200 32.18 19.53 22.10
N PHE D 201 30.91 19.72 22.46
CA PHE D 201 30.09 20.75 21.83
C PHE D 201 30.62 22.15 22.12
N ASP D 202 30.96 22.41 23.39
CA ASP D 202 31.51 23.70 23.76
C ASP D 202 32.89 23.92 23.14
N ASP D 203 33.67 22.84 22.98
CA ASP D 203 34.99 22.95 22.37
C ASP D 203 34.91 23.13 20.86
N ALA D 204 33.94 22.50 20.21
CA ALA D 204 33.73 22.64 18.77
C ALA D 204 32.91 23.88 18.41
N ILE D 205 32.47 24.65 19.39
CA ILE D 205 31.77 25.91 19.12
C ILE D 205 32.71 27.10 19.02
N ALA D 206 33.99 26.94 19.39
CA ALA D 206 34.97 28.02 19.30
C ALA D 206 35.37 28.36 17.86
N GLU D 207 35.06 27.51 16.89
CA GLU D 207 35.35 27.81 15.48
C GLU D 207 34.14 27.53 14.59
N SER D 215 33.51 18.99 4.88
CA SER D 215 33.88 18.56 6.22
C SER D 215 33.16 19.39 7.28
N TYR D 216 32.40 20.39 6.84
CA TYR D 216 31.62 21.22 7.76
C TYR D 216 30.23 20.66 8.00
N LYS D 217 29.58 20.14 6.96
CA LYS D 217 28.25 19.56 7.13
C LYS D 217 28.28 18.28 7.94
N ASP D 218 29.44 17.69 8.18
CA ASP D 218 29.54 16.49 9.01
C ASP D 218 29.69 16.83 10.47
N SER D 219 30.55 17.81 10.78
CA SER D 219 30.71 18.26 12.16
C SER D 219 29.41 18.82 12.72
N THR D 220 28.68 19.59 11.91
CA THR D 220 27.41 20.12 12.35
C THR D 220 26.38 19.02 12.55
N LEU D 221 26.44 17.97 11.74
CA LEU D 221 25.53 16.84 11.93
C LEU D 221 25.83 16.12 13.23
N ILE D 222 27.11 15.93 13.56
CA ILE D 222 27.47 15.30 14.82
C ILE D 222 27.14 16.22 15.99
N MET D 223 27.26 17.53 15.81
CA MET D 223 26.81 18.46 16.82
C MET D 223 25.33 18.27 17.11
N GLN D 224 24.51 18.15 16.06
CA GLN D 224 23.08 17.90 16.24
C GLN D 224 22.85 16.58 16.97
N LEU D 225 23.72 15.58 16.75
CA LEU D 225 23.59 14.32 17.47
C LEU D 225 24.00 14.46 18.93
N LEU D 226 24.97 15.33 19.21
CA LEU D 226 25.37 15.56 20.59
C LEU D 226 24.28 16.28 21.38
N ARG D 227 23.65 17.27 20.77
CA ARG D 227 22.57 17.98 21.46
C ARG D 227 21.32 17.11 21.58
N ASP D 228 21.07 16.24 20.61
CA ASP D 228 19.96 15.29 20.72
C ASP D 228 20.17 14.35 21.88
N ASN D 229 21.40 13.88 22.08
CA ASN D 229 21.70 12.99 23.19
C ASN D 229 21.62 13.73 24.51
N LEU D 230 22.12 14.97 24.55
CA LEU D 230 22.06 15.74 25.79
C LEU D 230 20.62 16.09 26.15
N THR D 231 19.76 16.33 25.14
CA THR D 231 18.37 16.66 25.42
C THR D 231 17.61 15.46 25.97
N LEU D 232 17.86 14.26 25.41
CA LEU D 232 17.26 13.05 25.95
C LEU D 232 17.69 12.83 27.40
N TRP D 233 19.00 12.88 27.66
CA TRP D 233 19.54 12.54 28.97
C TRP D 233 19.15 13.55 30.04
N THR D 234 18.82 14.79 29.67
CA THR D 234 18.41 15.77 30.65
C THR D 234 16.98 16.22 30.37
N ARG E 1 5.34 5.89 -9.72
CA ARG E 1 4.66 6.77 -8.76
C ARG E 1 4.78 6.26 -7.32
N SER E 2 5.16 7.15 -6.41
CA SER E 2 5.34 6.79 -5.03
C SER E 2 3.99 6.47 -4.37
N PHE E 3 4.07 5.85 -3.20
CA PHE E 3 2.89 5.41 -2.47
C PHE E 3 2.79 6.13 -1.12
N LEU E 5 0.42 7.20 2.52
CA LEU E 5 -0.36 6.54 3.57
C LEU E 5 -1.79 6.22 3.12
N HIS E 6 -2.17 4.94 3.22
CA HIS E 6 -3.53 4.54 2.92
C HIS E 6 -4.32 4.40 4.22
N ARG E 7 -5.53 3.85 4.12
CA ARG E 7 -6.41 3.78 5.28
C ARG E 7 -5.86 2.82 6.32
N MET E 8 -5.98 3.21 7.59
CA MET E 8 -5.54 2.37 8.69
C MET E 8 -6.74 1.76 9.42
N ARG F 1 -27.78 -11.58 -4.61
CA ARG F 1 -26.89 -12.66 -5.04
C ARG F 1 -27.19 -13.07 -6.48
N SER F 2 -28.37 -12.67 -6.99
CA SER F 2 -28.71 -12.93 -8.38
C SER F 2 -28.02 -11.92 -9.28
N PHE F 3 -27.59 -12.38 -10.46
CA PHE F 3 -26.89 -11.51 -11.39
C PHE F 3 -27.85 -10.93 -12.42
N LEU F 5 -27.88 -7.84 -15.66
CA LEU F 5 -26.96 -7.53 -16.74
C LEU F 5 -25.90 -6.53 -16.31
N HIS F 6 -24.67 -6.74 -16.78
CA HIS F 6 -23.59 -5.78 -16.61
C HIS F 6 -22.66 -5.88 -17.82
N ARG F 7 -21.52 -5.19 -17.75
CA ARG F 7 -20.62 -5.12 -18.88
C ARG F 7 -19.91 -6.43 -19.18
N MET F 8 -19.97 -7.40 -18.27
CA MET F 8 -19.34 -8.70 -18.51
C MET F 8 -20.21 -9.84 -17.99
N ARG G 1 17.62 4.92 24.69
CA ARG G 1 17.36 5.20 23.28
C ARG G 1 18.42 6.14 22.71
N SER G 2 19.62 6.08 23.27
CA SER G 2 20.67 7.04 22.94
C SER G 2 21.05 6.95 21.46
N PHE G 3 21.60 8.06 20.94
CA PHE G 3 21.95 8.20 19.53
C PHE G 3 23.46 8.12 19.29
N LEU G 5 26.85 7.42 16.44
CA LEU G 5 27.27 7.97 15.15
C LEU G 5 26.56 7.31 13.97
N HIS G 6 26.28 8.12 12.96
CA HIS G 6 25.55 7.73 11.75
C HIS G 6 24.11 7.28 12.06
N ARG H 1 5.79 1.29 -11.42
CA ARG H 1 5.25 -0.06 -11.37
C ARG H 1 3.93 -0.12 -10.55
N SER H 2 3.22 -1.24 -10.66
CA SER H 2 1.94 -1.42 -9.99
C SER H 2 2.15 -1.79 -8.53
N PHE H 3 1.06 -1.75 -7.78
CA PHE H 3 1.09 -2.10 -6.37
C PHE H 3 0.40 -3.43 -6.14
N LEU H 5 -0.38 -6.91 -3.48
CA LEU H 5 -0.95 -7.04 -2.14
C LEU H 5 0.17 -7.22 -1.08
N HIS H 6 0.10 -6.42 -0.03
CA HIS H 6 1.12 -6.37 1.02
C HIS H 6 0.62 -7.17 2.23
N ARG H 7 1.30 -7.02 3.37
CA ARG H 7 0.95 -7.78 4.58
C ARG H 7 -0.53 -7.64 4.93
N MET H 8 -1.13 -8.75 5.35
CA MET H 8 -2.55 -8.81 5.66
C MET H 8 -2.79 -9.10 7.14
#